data_6D0Y
#
_entry.id   6D0Y
#
_cell.length_a   78.106
_cell.length_b   111.897
_cell.length_c   124.795
_cell.angle_alpha   90.000
_cell.angle_beta   90.000
_cell.angle_gamma   90.000
#
_symmetry.space_group_name_H-M   'P 21 21 21'
#
loop_
_entity.id
_entity.type
_entity.pdbx_description
1 polymer 'Nuclear cap-binding protein subunit 1'
2 polymer 'Nuclear cap-binding protein subunit 2'
3 polymer 'Peroxisome proliferator-activated receptor gamma coactivator 1-beta'
4 non-polymer 'MAGNESIUM ION'
5 non-polymer "P1-7-METHYLGUANOSINE-P3-ADENOSINE-5',5'-TRIPHOSPHATE"
6 water water
#
loop_
_entity_poly.entity_id
_entity_poly.type
_entity_poly.pdbx_seq_one_letter_code
_entity_poly.pdbx_strand_id
1 'polypeptide(L)'
;MANETEDHLESLICKVGEKSACSLESNLEGLAGVLEADLPNYKSKILRLLCTVARLLPEKLTIYTTLVGLLNARNYNFGG
EFVEAMIRQLKESLKANNYNEAVYLVRFLSDLVNCHVIAAPSMVAMFENFVSVTQEEDVPQVRRDWYVYAFLSSLPWVGK
ELYEKKDAEMDRIFANTESYLKRRQKTHVPMLQVWTADKPHPQEEYLDCLWAQIQKLKKDRWQERHILRPYLAFDSILCE
ALQHNLPPFTPPPHTEDSVYPMPRVIFRMFDYTDDPEGPVMPGSHSVERFVIEENLHCIIKSHWKERKTCAAQLVSYPGK
NKIPLNYHIVEVIFAELFQLPAPPHIDVMYTTLLIELCKLQPGSLPQVLAQATEMLYMRLDTMNTTCVDRFINWFSHHLS
NFQFRWSWEDWSDCLSQDPESPKPKFVREVLEKCMRLSYHQRILDIVPPTFSALCPVNPTCIYKYGDESSNSLPGHSVAL
CLAVAFKSKATNDEIFSILKDVPNPNQDDDDDEGFSFNPLKIEVFVQTLLHLAAKSFSHSFSALAKFHEVFKTLAESDEG
KLHVLRVMFEVWRNHPQMIAVLVDKMIRTQIVDCAAVANWIFSSELSRDFTRLFVWEILHSTIRKMNKHVLKIQKELEEA
KEKLARQHKRRSDDDDRSSDRKDGVLEEQIERLQEKVESAQSEQKNLFLVIFQRFIMILTEHLVRCETDGTSVLTPWYKN
CIERLQQIFLQHHQIIQQYMVTLENLLFTAELDPHILAVFQQFCALQAAENLYFQGHHHHHH
;
C
2 'polypeptide(L)'
;GPLHMGGSPEFPGRLEAADPMSGGLLKALRSDSYVELSQYRDQHFRGDNEEQEKLLKKSCTLYVGNLSFYTTEEQIYELF
SKSGDIKKIIMGLDKMKKTACGFCFVEYYSRADAENAMRYINGTRLDDRIIRTDWDAGFKEGRQYGRGRSGGQVRDEYRQ
DYDAGRGGYGKLAQNQ
;
A
3 'polypeptide(L)' (ACE)SEEALPASGKSK(IYR)EAMDFDSLLKEAQQSLH B
#
loop_
_chem_comp.id
_chem_comp.type
_chem_comp.name
_chem_comp.formula
ACE non-polymer 'ACETYL GROUP' 'C2 H4 O'
GTA non-polymer P1-7-METHYLGUANOSINE-P3-ADENOSINE-5',5'-TRIPHOSPHATE 'C21 H30 N10 O17 P3 1'
MG non-polymer 'MAGNESIUM ION' 'Mg 2'
#
# COMPACT_ATOMS: atom_id res chain seq x y z
N GLU A 4 -15.93 -31.54 -16.02
CA GLU A 4 -14.61 -31.91 -16.52
C GLU A 4 -14.26 -31.10 -17.77
N THR A 5 -15.08 -31.26 -18.82
CA THR A 5 -14.88 -30.45 -20.02
C THR A 5 -15.18 -28.99 -19.77
N GLU A 6 -15.95 -28.66 -18.73
CA GLU A 6 -16.07 -27.27 -18.30
C GLU A 6 -14.71 -26.71 -17.93
N ASP A 7 -13.99 -27.38 -17.02
CA ASP A 7 -12.63 -26.99 -16.68
C ASP A 7 -11.78 -26.84 -17.94
N HIS A 8 -12.01 -27.71 -18.93
CA HIS A 8 -11.32 -27.59 -20.21
C HIS A 8 -11.76 -26.34 -20.94
N LEU A 9 -13.00 -25.90 -20.76
CA LEU A 9 -13.46 -24.66 -21.37
C LEU A 9 -12.90 -23.43 -20.67
N GLU A 10 -12.87 -23.44 -19.33
CA GLU A 10 -12.41 -22.29 -18.59
C GLU A 10 -10.94 -21.99 -18.89
N SER A 11 -10.04 -22.92 -18.56
CA SER A 11 -8.62 -22.70 -18.79
C SER A 11 -8.33 -22.41 -20.25
N LEU A 12 -9.20 -22.84 -21.17
CA LEU A 12 -9.00 -22.56 -22.58
C LEU A 12 -9.41 -21.13 -22.94
N ILE A 13 -10.34 -20.55 -22.18
CA ILE A 13 -10.74 -19.16 -22.41
C ILE A 13 -9.75 -18.21 -21.77
N CYS A 14 -9.24 -18.56 -20.57
CA CYS A 14 -8.38 -17.65 -19.84
C CYS A 14 -7.00 -17.53 -20.47
N LYS A 15 -6.53 -18.56 -21.15
CA LYS A 15 -5.17 -18.60 -21.66
C LYS A 15 -5.05 -18.17 -23.11
N VAL A 16 -6.16 -17.85 -23.78
CA VAL A 16 -6.07 -17.40 -25.16
C VAL A 16 -5.31 -16.07 -25.19
N GLY A 17 -4.47 -15.91 -26.20
CA GLY A 17 -3.69 -14.71 -26.34
C GLY A 17 -2.37 -14.69 -25.58
N GLU A 18 -2.07 -15.76 -24.85
CA GLU A 18 -0.74 -15.87 -24.25
C GLU A 18 0.28 -16.29 -25.30
N LYS A 19 1.55 -16.38 -24.89
CA LYS A 19 2.60 -16.78 -25.79
C LYS A 19 2.29 -18.14 -26.37
N SER A 20 2.38 -18.26 -27.67
CA SER A 20 2.17 -19.55 -28.29
C SER A 20 2.66 -19.53 -29.73
N ALA A 21 2.89 -20.72 -30.24
CA ALA A 21 3.38 -20.89 -31.60
C ALA A 21 2.39 -20.31 -32.60
N CYS A 22 1.09 -20.50 -32.39
CA CYS A 22 0.14 -20.01 -33.37
C CYS A 22 -0.10 -18.51 -33.15
N SER A 23 -0.54 -17.84 -34.20
CA SER A 23 -0.81 -16.42 -34.09
C SER A 23 -2.04 -16.17 -33.22
N LEU A 24 -2.17 -14.94 -32.75
CA LEU A 24 -3.34 -14.57 -31.94
C LEU A 24 -4.63 -14.76 -32.73
N GLU A 25 -4.64 -14.35 -34.00
CA GLU A 25 -5.85 -14.49 -34.82
C GLU A 25 -6.18 -15.95 -35.06
N SER A 26 -5.17 -16.77 -35.35
CA SER A 26 -5.40 -18.20 -35.55
C SER A 26 -5.95 -18.84 -34.29
N ASN A 27 -5.50 -18.37 -33.12
CA ASN A 27 -5.97 -18.94 -31.87
C ASN A 27 -7.40 -18.54 -31.57
N LEU A 28 -7.78 -17.30 -31.88
CA LEU A 28 -9.15 -16.85 -31.64
C LEU A 28 -10.11 -17.54 -32.59
N GLU A 29 -9.77 -17.62 -33.88
CA GLU A 29 -10.63 -18.30 -34.84
C GLU A 29 -10.81 -19.77 -34.44
N GLY A 30 -9.72 -20.42 -34.05
CA GLY A 30 -9.83 -21.81 -33.61
C GLY A 30 -10.67 -21.94 -32.35
N LEU A 31 -10.39 -21.11 -31.34
CA LEU A 31 -11.14 -21.19 -30.09
C LEU A 31 -12.61 -20.90 -30.31
N ALA A 32 -12.93 -19.86 -31.10
CA ALA A 32 -14.32 -19.57 -31.40
C ALA A 32 -15.01 -20.76 -32.05
N GLY A 33 -14.26 -21.55 -32.84
CA GLY A 33 -14.86 -22.72 -33.48
C GLY A 33 -15.22 -23.81 -32.49
N VAL A 34 -14.38 -24.02 -31.47
CA VAL A 34 -14.67 -25.08 -30.50
C VAL A 34 -15.73 -24.62 -29.50
N LEU A 35 -15.89 -23.31 -29.30
CA LEU A 35 -16.97 -22.83 -28.46
C LEU A 35 -18.32 -22.91 -29.15
N GLU A 36 -18.36 -22.94 -30.49
CA GLU A 36 -19.59 -23.26 -31.20
C GLU A 36 -20.01 -24.70 -30.96
N ALA A 37 -19.07 -25.64 -31.16
CA ALA A 37 -19.37 -27.05 -31.00
C ALA A 37 -19.94 -27.33 -29.62
N ASP A 38 -19.29 -26.83 -28.57
CA ASP A 38 -19.69 -27.10 -27.20
C ASP A 38 -20.87 -26.24 -26.75
N LEU A 39 -21.35 -25.33 -27.59
CA LEU A 39 -22.35 -24.37 -27.18
C LEU A 39 -23.73 -24.99 -26.97
N PRO A 40 -24.16 -25.93 -27.82
CA PRO A 40 -25.44 -26.60 -27.55
C PRO A 40 -25.57 -27.13 -26.13
N ASN A 41 -24.51 -27.76 -25.60
CA ASN A 41 -24.58 -28.35 -24.27
C ASN A 41 -24.23 -27.38 -23.16
N TYR A 42 -23.28 -26.48 -23.39
CA TYR A 42 -22.68 -25.66 -22.34
C TYR A 42 -22.94 -24.17 -22.54
N LYS A 43 -24.04 -23.81 -23.20
CA LYS A 43 -24.32 -22.40 -23.42
C LYS A 43 -24.38 -21.63 -22.11
N SER A 44 -24.95 -22.24 -21.06
CA SER A 44 -25.07 -21.55 -19.78
C SER A 44 -23.71 -21.26 -19.17
N LYS A 45 -22.79 -22.23 -19.25
CA LYS A 45 -21.49 -22.05 -18.61
C LYS A 45 -20.58 -21.16 -19.43
N ILE A 46 -20.53 -21.37 -20.75
CA ILE A 46 -19.73 -20.50 -21.60
C ILE A 46 -20.13 -19.05 -21.41
N LEU A 47 -21.39 -18.80 -21.05
CA LEU A 47 -21.88 -17.43 -20.94
C LEU A 47 -21.32 -16.73 -19.71
N ARG A 48 -21.32 -17.41 -18.56
CA ARG A 48 -20.82 -16.79 -17.33
C ARG A 48 -19.29 -16.73 -17.30
N LEU A 49 -18.60 -17.60 -18.04
CA LEU A 49 -17.15 -17.49 -18.13
C LEU A 49 -16.76 -16.25 -18.91
N LEU A 50 -17.40 -16.01 -20.06
CA LEU A 50 -17.12 -14.80 -20.82
C LEU A 50 -17.49 -13.55 -20.02
N CYS A 51 -18.53 -13.63 -19.20
CA CYS A 51 -18.88 -12.50 -18.34
C CYS A 51 -17.85 -12.31 -17.22
N THR A 52 -17.19 -13.39 -16.81
CA THR A 52 -16.13 -13.25 -15.81
C THR A 52 -14.94 -12.52 -16.38
N VAL A 53 -14.49 -12.89 -17.59
CA VAL A 53 -13.27 -12.28 -18.14
C VAL A 53 -13.53 -10.85 -18.58
N ALA A 54 -14.74 -10.53 -19.01
CA ALA A 54 -15.06 -9.14 -19.33
C ALA A 54 -15.00 -8.26 -18.10
N ARG A 55 -15.23 -8.85 -16.92
CA ARG A 55 -15.25 -8.11 -15.66
C ARG A 55 -13.87 -8.07 -15.00
N LEU A 56 -13.11 -9.16 -15.07
CA LEU A 56 -11.91 -9.35 -14.26
C LEU A 56 -10.60 -9.26 -15.04
N LEU A 57 -10.64 -9.13 -16.37
CA LEU A 57 -9.44 -9.18 -17.20
C LEU A 57 -9.48 -8.04 -18.22
N PRO A 58 -9.63 -6.80 -17.77
CA PRO A 58 -9.66 -5.68 -18.72
C PRO A 58 -8.37 -5.51 -19.52
N GLU A 59 -7.23 -6.01 -19.03
CA GLU A 59 -5.99 -5.89 -19.81
C GLU A 59 -6.08 -6.65 -21.12
N LYS A 60 -6.76 -7.81 -21.11
CA LYS A 60 -7.00 -8.60 -22.31
C LYS A 60 -8.29 -8.22 -23.02
N LEU A 61 -8.79 -7.01 -22.80
CA LEU A 61 -10.09 -6.58 -23.31
C LEU A 61 -10.30 -6.96 -24.78
N THR A 62 -9.49 -6.37 -25.66
CA THR A 62 -9.75 -6.51 -27.09
C THR A 62 -9.70 -7.95 -27.55
N ILE A 63 -8.98 -8.81 -26.82
CA ILE A 63 -8.94 -10.23 -27.19
C ILE A 63 -10.32 -10.85 -27.01
N TYR A 64 -10.99 -10.55 -25.90
CA TYR A 64 -12.24 -11.21 -25.59
C TYR A 64 -13.44 -10.57 -26.29
N THR A 65 -13.36 -9.28 -26.65
CA THR A 65 -14.43 -8.70 -27.45
C THR A 65 -14.45 -9.30 -28.85
N THR A 66 -13.27 -9.46 -29.47
CA THR A 66 -13.17 -10.17 -30.74
C THR A 66 -13.81 -11.56 -30.63
N LEU A 67 -13.44 -12.30 -29.58
CA LEU A 67 -14.00 -13.64 -29.40
C LEU A 67 -15.52 -13.60 -29.33
N VAL A 68 -16.07 -12.72 -28.47
CA VAL A 68 -17.52 -12.53 -28.44
C VAL A 68 -18.03 -12.07 -29.79
N GLY A 69 -17.23 -11.30 -30.53
CA GLY A 69 -17.66 -10.84 -31.84
C GLY A 69 -17.81 -11.97 -32.83
N LEU A 70 -16.90 -12.94 -32.79
CA LEU A 70 -16.98 -14.09 -33.69
C LEU A 70 -18.21 -14.93 -33.37
N LEU A 71 -18.42 -15.25 -32.10
CA LEU A 71 -19.56 -16.07 -31.71
C LEU A 71 -20.88 -15.40 -32.11
N ASN A 72 -20.96 -14.07 -31.99
CA ASN A 72 -22.19 -13.37 -32.34
C ASN A 72 -22.47 -13.46 -33.84
N ALA A 73 -21.45 -13.22 -34.67
CA ALA A 73 -21.64 -13.31 -36.11
C ALA A 73 -22.23 -14.66 -36.49
N ARG A 74 -21.84 -15.71 -35.79
CA ARG A 74 -22.30 -17.07 -36.07
C ARG A 74 -23.53 -17.46 -35.26
N ASN A 75 -23.81 -16.75 -34.16
CA ASN A 75 -24.94 -17.08 -33.29
C ASN A 75 -25.50 -15.78 -32.72
N TYR A 76 -26.63 -15.32 -33.28
CA TYR A 76 -27.21 -14.05 -32.88
C TYR A 76 -27.85 -14.11 -31.50
N ASN A 77 -28.44 -15.26 -31.14
CA ASN A 77 -29.11 -15.36 -29.84
C ASN A 77 -28.10 -15.42 -28.70
N PHE A 78 -26.89 -15.91 -28.97
CA PHE A 78 -25.85 -15.89 -27.96
C PHE A 78 -25.34 -14.47 -27.73
N GLY A 79 -25.15 -13.70 -28.81
CA GLY A 79 -24.75 -12.32 -28.65
C GLY A 79 -25.73 -11.52 -27.81
N GLY A 80 -27.03 -11.75 -28.01
CA GLY A 80 -28.03 -11.03 -27.24
C GLY A 80 -28.05 -11.42 -25.77
N GLU A 81 -27.91 -12.73 -25.50
CA GLU A 81 -27.84 -13.18 -24.10
C GLU A 81 -26.64 -12.56 -23.40
N PHE A 82 -25.51 -12.46 -24.10
CA PHE A 82 -24.30 -11.92 -23.49
C PHE A 82 -24.44 -10.43 -23.20
N VAL A 83 -24.95 -9.66 -24.15
CA VAL A 83 -25.11 -8.22 -23.95
C VAL A 83 -26.11 -7.97 -22.83
N GLU A 84 -27.17 -8.76 -22.74
CA GLU A 84 -28.11 -8.61 -21.64
C GLU A 84 -27.44 -8.91 -20.31
N ALA A 85 -26.54 -9.90 -20.28
CA ALA A 85 -25.81 -10.19 -19.06
C ALA A 85 -24.88 -9.04 -18.68
N MET A 86 -24.27 -8.39 -19.67
CA MET A 86 -23.41 -7.25 -19.41
C MET A 86 -24.20 -6.09 -18.83
N ILE A 87 -25.35 -5.76 -19.45
CA ILE A 87 -26.21 -4.72 -18.90
C ILE A 87 -26.63 -5.08 -17.49
N ARG A 88 -26.96 -6.36 -17.26
CA ARG A 88 -27.29 -6.81 -15.91
C ARG A 88 -26.15 -6.55 -14.95
N GLN A 89 -24.92 -6.91 -15.35
CA GLN A 89 -23.78 -6.78 -14.44
C GLN A 89 -23.39 -5.33 -14.25
N LEU A 90 -23.49 -4.51 -15.30
CA LEU A 90 -23.18 -3.09 -15.17
C LEU A 90 -24.07 -2.43 -14.14
N LYS A 91 -25.35 -2.85 -14.07
CA LYS A 91 -26.24 -2.31 -13.05
C LYS A 91 -25.90 -2.86 -11.68
N GLU A 92 -25.56 -4.15 -11.60
CA GLU A 92 -25.11 -4.73 -10.33
C GLU A 92 -23.90 -3.97 -9.79
N SER A 93 -22.93 -3.69 -10.65
CA SER A 93 -21.70 -3.05 -10.21
C SER A 93 -21.95 -1.62 -9.72
N LEU A 94 -22.72 -0.84 -10.49
CA LEU A 94 -23.01 0.53 -10.08
C LEU A 94 -23.83 0.57 -8.80
N LYS A 95 -24.69 -0.43 -8.57
CA LYS A 95 -25.46 -0.45 -7.34
C LYS A 95 -24.58 -0.76 -6.14
N ALA A 96 -23.63 -1.67 -6.30
CA ALA A 96 -22.71 -2.04 -5.23
C ALA A 96 -21.56 -1.05 -5.05
N ASN A 97 -21.58 0.07 -5.76
CA ASN A 97 -20.52 1.08 -5.67
C ASN A 97 -19.17 0.55 -6.14
N ASN A 98 -19.16 -0.36 -7.11
CA ASN A 98 -17.93 -0.86 -7.71
C ASN A 98 -17.75 -0.16 -9.05
N TYR A 99 -17.26 1.07 -8.99
CA TYR A 99 -17.15 1.91 -10.18
C TYR A 99 -15.90 1.61 -10.99
N ASN A 100 -14.81 1.20 -10.33
CA ASN A 100 -13.63 0.78 -11.08
C ASN A 100 -13.92 -0.48 -11.89
N GLU A 101 -14.78 -1.36 -11.37
CA GLU A 101 -15.21 -2.53 -12.13
C GLU A 101 -16.22 -2.16 -13.21
N ALA A 102 -16.99 -1.10 -13.01
CA ALA A 102 -18.00 -0.71 -13.99
C ALA A 102 -17.36 -0.11 -15.24
N VAL A 103 -16.27 0.65 -15.10
CA VAL A 103 -15.59 1.21 -16.27
C VAL A 103 -15.12 0.10 -17.19
N TYR A 104 -14.68 -1.02 -16.61
CA TYR A 104 -14.22 -2.14 -17.44
C TYR A 104 -15.37 -2.71 -18.26
N LEU A 105 -16.58 -2.71 -17.70
CA LEU A 105 -17.73 -3.22 -18.43
C LEU A 105 -18.18 -2.22 -19.50
N VAL A 106 -18.22 -0.93 -19.17
CA VAL A 106 -18.54 0.08 -20.18
C VAL A 106 -17.53 -0.01 -21.32
N ARG A 107 -16.25 -0.04 -20.99
CA ARG A 107 -15.22 -0.14 -22.02
C ARG A 107 -15.41 -1.39 -22.87
N PHE A 108 -15.89 -2.47 -22.27
CA PHE A 108 -16.12 -3.70 -23.02
C PHE A 108 -17.31 -3.56 -23.95
N LEU A 109 -18.43 -3.05 -23.44
CA LEU A 109 -19.57 -2.73 -24.30
C LEU A 109 -19.14 -1.84 -25.47
N SER A 110 -18.34 -0.82 -25.19
CA SER A 110 -17.93 0.12 -26.23
C SER A 110 -17.12 -0.58 -27.32
N ASP A 111 -16.16 -1.41 -26.93
CA ASP A 111 -15.32 -2.05 -27.93
C ASP A 111 -16.10 -3.08 -28.74
N LEU A 112 -17.16 -3.65 -28.17
CA LEU A 112 -18.01 -4.57 -28.92
C LEU A 112 -18.61 -3.90 -30.16
N VAL A 113 -18.69 -2.57 -30.18
CA VAL A 113 -19.18 -1.88 -31.37
C VAL A 113 -18.23 -2.10 -32.53
N ASN A 114 -16.91 -2.08 -32.28
CA ASN A 114 -15.95 -2.38 -33.32
C ASN A 114 -16.11 -3.82 -33.83
N CYS A 115 -16.61 -4.72 -32.98
CA CYS A 115 -16.84 -6.11 -33.36
C CYS A 115 -18.22 -6.33 -33.97
N HIS A 116 -19.01 -5.28 -34.14
CA HIS A 116 -20.32 -5.38 -34.77
C HIS A 116 -21.29 -6.23 -33.94
N VAL A 117 -21.10 -6.24 -32.63
CA VAL A 117 -22.07 -6.87 -31.73
C VAL A 117 -23.11 -5.86 -31.26
N ILE A 118 -22.73 -4.60 -31.08
CA ILE A 118 -23.62 -3.57 -30.60
C ILE A 118 -23.66 -2.45 -31.64
N ALA A 119 -24.85 -1.94 -31.91
CA ALA A 119 -25.03 -0.87 -32.88
C ALA A 119 -24.59 0.45 -32.29
N ALA A 120 -23.78 1.20 -33.05
CA ALA A 120 -23.22 2.46 -32.57
C ALA A 120 -24.28 3.40 -32.00
N PRO A 121 -25.43 3.62 -32.65
CA PRO A 121 -26.44 4.53 -32.05
C PRO A 121 -26.81 4.17 -30.61
N SER A 122 -26.94 2.88 -30.31
CA SER A 122 -27.23 2.47 -28.94
C SER A 122 -26.13 2.93 -27.98
N MET A 123 -24.88 2.87 -28.43
CA MET A 123 -23.78 3.26 -27.55
C MET A 123 -23.73 4.77 -27.36
N VAL A 124 -24.03 5.54 -28.42
CA VAL A 124 -24.06 6.99 -28.30
C VAL A 124 -25.18 7.42 -27.36
N ALA A 125 -26.32 6.74 -27.44
CA ALA A 125 -27.42 7.05 -26.53
C ALA A 125 -27.01 6.85 -25.09
N MET A 126 -26.31 5.76 -24.79
CA MET A 126 -25.88 5.51 -23.42
C MET A 126 -24.89 6.56 -22.96
N PHE A 127 -23.97 6.98 -23.84
CA PHE A 127 -22.95 7.93 -23.44
C PHE A 127 -23.52 9.32 -23.19
N GLU A 128 -24.49 9.76 -24.01
CA GLU A 128 -25.08 11.06 -23.72
C GLU A 128 -25.97 11.02 -22.48
N ASN A 129 -26.33 9.83 -21.99
CA ASN A 129 -26.92 9.72 -20.67
C ASN A 129 -25.87 9.70 -19.58
N PHE A 130 -24.65 9.27 -19.91
CA PHE A 130 -23.53 9.39 -18.97
C PHE A 130 -23.20 10.84 -18.72
N VAL A 131 -22.89 11.59 -19.78
CA VAL A 131 -22.56 13.00 -19.65
C VAL A 131 -23.74 13.77 -19.07
N SER A 132 -24.95 13.29 -19.28
CA SER A 132 -26.12 13.95 -18.71
C SER A 132 -26.03 14.03 -17.20
N VAL A 133 -25.20 13.20 -16.57
CA VAL A 133 -25.00 13.29 -15.12
C VAL A 133 -24.35 14.61 -14.74
N THR A 134 -23.62 15.26 -15.66
CA THR A 134 -23.06 16.57 -15.36
C THR A 134 -24.16 17.57 -15.05
N GLN A 135 -25.37 17.35 -15.57
CA GLN A 135 -26.49 18.25 -15.34
C GLN A 135 -27.22 17.98 -14.03
N GLU A 136 -27.11 16.77 -13.49
CA GLU A 136 -27.69 16.47 -12.18
C GLU A 136 -27.25 17.51 -11.16
N GLU A 137 -28.20 17.90 -10.29
CA GLU A 137 -27.95 18.89 -9.26
C GLU A 137 -28.00 18.25 -7.88
N ASP A 138 -27.22 18.81 -6.96
CA ASP A 138 -27.11 18.29 -5.58
C ASP A 138 -26.48 16.90 -5.58
N VAL A 139 -25.42 16.73 -6.38
CA VAL A 139 -24.67 15.47 -6.41
C VAL A 139 -23.18 15.78 -6.31
N PRO A 140 -22.37 14.91 -5.71
CA PRO A 140 -20.94 15.19 -5.60
C PRO A 140 -20.26 15.32 -6.97
N GLN A 141 -19.26 16.19 -7.03
CA GLN A 141 -18.47 16.31 -8.25
C GLN A 141 -17.84 14.98 -8.65
N VAL A 142 -17.49 14.14 -7.66
CA VAL A 142 -16.86 12.86 -7.98
C VAL A 142 -17.82 11.97 -8.76
N ARG A 143 -19.13 12.14 -8.55
CA ARG A 143 -20.10 11.39 -9.33
C ARG A 143 -20.09 11.84 -10.78
N ARG A 144 -20.21 13.15 -11.00
CA ARG A 144 -20.12 13.68 -12.36
C ARG A 144 -18.79 13.29 -13.00
N ASP A 145 -17.70 13.36 -12.22
CA ASP A 145 -16.38 13.04 -12.75
C ASP A 145 -16.34 11.61 -13.29
N TRP A 146 -16.87 10.65 -12.54
CA TRP A 146 -16.75 9.27 -12.94
C TRP A 146 -17.52 9.00 -14.25
N TYR A 147 -18.75 9.51 -14.35
CA TYR A 147 -19.52 9.25 -15.56
C TYR A 147 -18.88 9.91 -16.78
N VAL A 148 -18.24 11.06 -16.60
CA VAL A 148 -17.46 11.64 -17.68
C VAL A 148 -16.24 10.78 -17.97
N TYR A 149 -15.61 10.23 -16.93
CA TYR A 149 -14.42 9.41 -17.13
C TYR A 149 -14.76 8.11 -17.86
N ALA A 150 -15.89 7.50 -17.53
CA ALA A 150 -16.28 6.26 -18.21
C ALA A 150 -16.49 6.50 -19.69
N PHE A 151 -17.05 7.67 -20.04
CA PHE A 151 -17.21 8.03 -21.44
C PHE A 151 -15.85 8.27 -22.11
N LEU A 152 -15.05 9.18 -21.55
CA LEU A 152 -13.80 9.56 -22.20
C LEU A 152 -12.82 8.40 -22.26
N SER A 153 -12.79 7.56 -21.22
CA SER A 153 -11.82 6.47 -21.18
C SER A 153 -12.19 5.31 -22.09
N SER A 154 -13.42 5.27 -22.61
CA SER A 154 -13.81 4.28 -23.60
C SER A 154 -13.47 4.72 -25.02
N LEU A 155 -13.33 6.03 -25.25
CA LEU A 155 -13.16 6.54 -26.61
C LEU A 155 -11.88 6.04 -27.28
N PRO A 156 -10.77 5.81 -26.58
CA PRO A 156 -9.58 5.27 -27.28
C PRO A 156 -9.89 4.02 -28.09
N TRP A 157 -10.85 3.21 -27.67
CA TRP A 157 -11.22 2.00 -28.40
C TRP A 157 -12.33 2.25 -29.41
N VAL A 158 -13.39 2.94 -29.00
CA VAL A 158 -14.58 3.09 -29.82
C VAL A 158 -14.70 4.49 -30.44
N GLY A 159 -13.67 5.33 -30.29
CA GLY A 159 -13.81 6.71 -30.72
C GLY A 159 -14.02 6.86 -32.21
N LYS A 160 -13.17 6.19 -33.00
CA LYS A 160 -13.24 6.35 -34.45
C LYS A 160 -14.61 5.94 -34.99
N GLU A 161 -15.16 4.83 -34.49
CA GLU A 161 -16.41 4.31 -35.01
C GLU A 161 -17.58 5.23 -34.68
N LEU A 162 -17.72 5.61 -33.40
CA LEU A 162 -18.86 6.41 -33.00
C LEU A 162 -18.90 7.75 -33.72
N TYR A 163 -17.75 8.32 -34.07
CA TYR A 163 -17.74 9.65 -34.65
C TYR A 163 -18.14 9.64 -36.12
N GLU A 164 -17.60 8.70 -36.90
CA GLU A 164 -17.94 8.66 -38.32
C GLU A 164 -19.41 8.30 -38.53
N LYS A 165 -19.94 7.40 -37.70
CA LYS A 165 -21.33 7.00 -37.84
C LYS A 165 -22.28 8.12 -37.41
N LYS A 166 -22.02 8.73 -36.26
CA LYS A 166 -22.85 9.82 -35.75
C LYS A 166 -21.92 10.88 -35.16
N ASP A 167 -21.71 11.97 -35.88
CA ASP A 167 -20.89 13.08 -35.38
C ASP A 167 -21.71 14.31 -35.01
N ALA A 168 -23.00 14.35 -35.33
CA ALA A 168 -23.81 15.48 -34.90
C ALA A 168 -24.18 15.36 -33.42
N GLU A 169 -24.47 14.15 -32.95
CA GLU A 169 -24.77 13.92 -31.54
C GLU A 169 -23.53 13.71 -30.70
N MET A 170 -22.42 13.29 -31.32
CA MET A 170 -21.16 13.17 -30.58
C MET A 170 -20.60 14.55 -30.23
N ASP A 171 -20.76 15.52 -31.14
CA ASP A 171 -20.30 16.87 -30.84
C ASP A 171 -21.16 17.53 -29.77
N ARG A 172 -22.45 17.21 -29.71
CA ARG A 172 -23.26 17.65 -28.58
C ARG A 172 -22.70 17.09 -27.28
N ILE A 173 -22.27 15.84 -27.28
CA ILE A 173 -21.69 15.23 -26.10
C ILE A 173 -20.38 15.92 -25.75
N PHE A 174 -19.50 16.10 -26.74
CA PHE A 174 -18.23 16.76 -26.49
C PHE A 174 -18.42 18.19 -26.00
N ALA A 175 -19.41 18.90 -26.55
CA ALA A 175 -19.69 20.25 -26.07
C ALA A 175 -20.14 20.23 -24.63
N ASN A 176 -21.02 19.29 -24.26
CA ASN A 176 -21.43 19.16 -22.86
C ASN A 176 -20.24 18.80 -21.97
N THR A 177 -19.34 17.95 -22.49
CA THR A 177 -18.18 17.53 -21.71
C THR A 177 -17.24 18.70 -21.46
N GLU A 178 -16.91 19.45 -22.52
CA GLU A 178 -15.98 20.57 -22.36
C GLU A 178 -16.55 21.62 -21.43
N SER A 179 -17.85 21.93 -21.56
CA SER A 179 -18.49 22.86 -20.66
C SER A 179 -18.28 22.44 -19.20
N TYR A 180 -18.50 21.16 -18.91
CA TYR A 180 -18.36 20.68 -17.53
C TYR A 180 -16.92 20.76 -17.06
N LEU A 181 -15.96 20.36 -17.91
CA LEU A 181 -14.57 20.33 -17.47
C LEU A 181 -14.08 21.72 -17.09
N LYS A 182 -14.56 22.76 -17.78
CA LYS A 182 -14.08 24.10 -17.50
C LYS A 182 -14.61 24.63 -16.18
N ARG A 183 -15.77 24.16 -15.72
CA ARG A 183 -16.38 24.65 -14.50
C ARG A 183 -16.12 23.77 -13.28
N ARG A 184 -15.22 22.79 -13.40
CA ARG A 184 -14.84 21.99 -12.25
C ARG A 184 -13.88 22.78 -11.37
N GLN A 185 -13.90 22.43 -10.07
CA GLN A 185 -13.02 23.05 -9.09
C GLN A 185 -11.80 22.16 -8.88
N LYS A 186 -10.61 22.73 -9.04
CA LYS A 186 -9.34 22.02 -8.89
C LYS A 186 -8.54 22.47 -7.68
N THR A 187 -9.22 22.96 -6.63
CA THR A 187 -8.53 23.50 -5.47
C THR A 187 -7.79 22.42 -4.66
N HIS A 188 -8.19 21.16 -4.82
CA HIS A 188 -7.63 20.07 -4.02
C HIS A 188 -6.41 19.41 -4.65
N VAL A 189 -6.13 19.65 -5.92
CA VAL A 189 -5.08 18.95 -6.66
C VAL A 189 -3.74 19.01 -5.94
N PRO A 190 -3.36 20.15 -5.34
CA PRO A 190 -2.03 20.20 -4.69
C PRO A 190 -1.82 19.13 -3.64
N MET A 191 -2.85 18.77 -2.88
CA MET A 191 -2.70 17.72 -1.87
C MET A 191 -2.42 16.35 -2.48
N LEU A 192 -2.71 16.17 -3.76
CA LEU A 192 -2.60 14.87 -4.41
C LEU A 192 -1.43 14.78 -5.37
N GLN A 193 -0.65 15.85 -5.52
CA GLN A 193 0.48 15.87 -6.43
C GLN A 193 1.73 15.34 -5.75
N VAL A 194 2.46 14.47 -6.45
CA VAL A 194 3.71 13.92 -5.92
C VAL A 194 4.80 14.99 -5.94
N TRP A 195 4.79 15.88 -6.94
CA TRP A 195 5.64 17.06 -6.97
C TRP A 195 4.75 18.28 -7.25
N THR A 196 4.97 19.35 -6.50
CA THR A 196 4.25 20.59 -6.75
C THR A 196 4.85 21.40 -7.89
N ALA A 197 6.11 21.14 -8.24
CA ALA A 197 6.74 21.84 -9.35
C ALA A 197 6.11 21.43 -10.68
N ASP A 198 6.09 22.36 -11.62
CA ASP A 198 5.62 22.10 -12.97
C ASP A 198 6.72 21.65 -13.90
N LYS A 199 7.96 21.57 -13.43
CA LYS A 199 9.07 21.15 -14.28
C LYS A 199 9.90 20.10 -13.56
N PRO A 200 10.39 19.09 -14.30
CA PRO A 200 10.24 18.91 -15.74
C PRO A 200 8.87 18.40 -16.20
N HIS A 201 8.11 17.75 -15.31
CA HIS A 201 6.85 17.12 -15.69
C HIS A 201 5.72 17.61 -14.79
N PRO A 202 4.70 18.28 -15.34
CA PRO A 202 3.54 18.63 -14.51
C PRO A 202 2.74 17.39 -14.12
N GLN A 203 2.22 17.41 -12.90
CA GLN A 203 1.37 16.34 -12.39
C GLN A 203 -0.07 16.80 -12.55
N GLU A 204 -0.72 16.33 -13.61
CA GLU A 204 -2.00 16.87 -14.06
C GLU A 204 -3.17 16.12 -13.45
N GLU A 205 -4.24 16.85 -13.16
CA GLU A 205 -5.48 16.23 -12.71
C GLU A 205 -5.97 15.26 -13.79
N TYR A 206 -6.43 14.09 -13.35
CA TYR A 206 -6.58 12.97 -14.28
C TYR A 206 -7.57 13.23 -15.39
N LEU A 207 -8.64 13.99 -15.11
CA LEU A 207 -9.62 14.26 -16.16
C LEU A 207 -9.12 15.30 -17.16
N ASP A 208 -8.43 16.34 -16.68
CA ASP A 208 -7.80 17.29 -17.59
C ASP A 208 -6.79 16.61 -18.48
N CYS A 209 -6.02 15.67 -17.92
CA CYS A 209 -5.06 14.92 -18.71
C CYS A 209 -5.78 14.11 -19.78
N LEU A 210 -6.75 13.29 -19.36
CA LEU A 210 -7.49 12.46 -20.31
C LEU A 210 -8.13 13.32 -21.40
N TRP A 211 -8.70 14.47 -21.02
CA TRP A 211 -9.34 15.34 -22.01
C TRP A 211 -8.34 15.78 -23.07
N ALA A 212 -7.18 16.29 -22.65
CA ALA A 212 -6.15 16.67 -23.61
C ALA A 212 -5.76 15.50 -24.48
N GLN A 213 -5.75 14.29 -23.93
CA GLN A 213 -5.37 13.12 -24.71
C GLN A 213 -6.42 12.80 -25.76
N ILE A 214 -7.70 12.90 -25.41
CA ILE A 214 -8.76 12.58 -26.37
C ILE A 214 -8.83 13.64 -27.46
N GLN A 215 -8.69 14.91 -27.10
CA GLN A 215 -8.77 15.97 -28.11
C GLN A 215 -7.64 15.85 -29.12
N LYS A 216 -6.45 15.45 -28.67
CA LYS A 216 -5.35 15.27 -29.62
C LYS A 216 -5.63 14.07 -30.53
N LEU A 217 -6.21 13.01 -29.97
CA LEU A 217 -6.64 11.89 -30.81
C LEU A 217 -7.67 12.33 -31.84
N LYS A 218 -8.58 13.23 -31.44
CA LYS A 218 -9.57 13.75 -32.38
C LYS A 218 -8.89 14.47 -33.53
N LYS A 219 -8.02 15.43 -33.22
CA LYS A 219 -7.26 16.12 -34.27
C LYS A 219 -6.44 15.15 -35.11
N ASP A 220 -6.12 13.97 -34.59
CA ASP A 220 -5.38 12.96 -35.32
C ASP A 220 -6.27 12.03 -36.13
N ARG A 221 -7.53 12.42 -36.37
CA ARG A 221 -8.46 11.60 -37.14
C ARG A 221 -8.73 10.26 -36.45
N TRP A 222 -8.64 10.24 -35.12
CA TRP A 222 -8.95 9.05 -34.34
C TRP A 222 -8.02 7.89 -34.66
N GLN A 223 -6.81 8.19 -35.13
CA GLN A 223 -5.80 7.19 -35.40
C GLN A 223 -4.87 7.06 -34.20
N GLU A 224 -4.90 5.90 -33.56
CA GLU A 224 -4.00 5.60 -32.45
C GLU A 224 -3.33 4.26 -32.73
N ARG A 225 -2.02 4.18 -32.46
CA ARG A 225 -1.19 3.11 -32.99
C ARG A 225 -0.70 2.13 -31.93
N HIS A 226 -1.42 1.99 -30.81
CA HIS A 226 -1.01 1.03 -29.79
C HIS A 226 -2.02 -0.07 -29.54
N ILE A 227 -3.30 0.27 -29.39
CA ILE A 227 -4.30 -0.73 -29.03
C ILE A 227 -4.27 -1.88 -30.03
N LEU A 228 -4.21 -3.09 -29.49
CA LEU A 228 -4.23 -4.30 -30.30
C LEU A 228 -5.68 -4.65 -30.67
N ARG A 229 -5.97 -4.69 -31.97
CA ARG A 229 -7.33 -4.87 -32.47
C ARG A 229 -7.41 -6.13 -33.32
N PRO A 230 -7.45 -7.32 -32.71
CA PRO A 230 -7.47 -8.56 -33.51
C PRO A 230 -8.65 -8.66 -34.44
N TYR A 231 -9.79 -8.05 -34.09
CA TYR A 231 -10.99 -8.16 -34.91
C TYR A 231 -10.81 -7.60 -36.31
N LEU A 232 -9.74 -6.85 -36.57
CA LEU A 232 -9.56 -6.27 -37.90
C LEU A 232 -9.22 -7.34 -38.93
N ALA A 233 -8.62 -8.46 -38.50
CA ALA A 233 -8.36 -9.56 -39.41
C ALA A 233 -9.61 -10.34 -39.76
N PHE A 234 -10.66 -10.24 -38.95
CA PHE A 234 -11.92 -10.93 -39.19
C PHE A 234 -12.99 -10.01 -39.78
N ASP A 235 -12.57 -9.00 -40.55
CA ASP A 235 -13.52 -8.06 -41.14
C ASP A 235 -14.61 -8.80 -41.91
N SER A 236 -14.19 -9.62 -42.88
CA SER A 236 -15.15 -10.33 -43.73
C SER A 236 -16.19 -11.07 -42.91
N ILE A 237 -15.75 -11.75 -41.85
CA ILE A 237 -16.68 -12.54 -41.02
C ILE A 237 -17.60 -11.62 -40.21
N LEU A 238 -17.09 -10.48 -39.76
CA LEU A 238 -17.81 -9.63 -38.82
C LEU A 238 -18.64 -8.54 -39.48
N CYS A 239 -18.50 -8.33 -40.78
CA CYS A 239 -19.31 -7.31 -41.45
C CYS A 239 -20.76 -7.76 -41.61
N GLU A 240 -20.99 -9.06 -41.79
CA GLU A 240 -22.34 -9.57 -41.96
C GLU A 240 -23.05 -9.83 -40.65
N ALA A 241 -22.40 -9.60 -39.51
CA ALA A 241 -23.01 -9.88 -38.22
C ALA A 241 -24.17 -8.91 -37.96
N LEU A 242 -25.14 -9.38 -37.19
CA LEU A 242 -26.28 -8.56 -36.80
C LEU A 242 -26.02 -7.91 -35.44
N GLN A 243 -26.24 -6.60 -35.38
CA GLN A 243 -26.01 -5.84 -34.16
C GLN A 243 -27.17 -5.98 -33.18
N HIS A 244 -26.86 -5.74 -31.91
CA HIS A 244 -27.85 -5.67 -30.84
C HIS A 244 -27.95 -4.24 -30.33
N ASN A 245 -29.16 -3.86 -29.93
CA ASN A 245 -29.43 -2.52 -29.45
C ASN A 245 -29.48 -2.52 -27.92
N LEU A 246 -28.63 -1.72 -27.31
CA LEU A 246 -28.67 -1.59 -25.87
C LEU A 246 -29.98 -0.90 -25.46
N PRO A 247 -30.64 -1.36 -24.40
CA PRO A 247 -31.81 -0.64 -23.92
C PRO A 247 -31.42 0.74 -23.43
N PRO A 248 -32.37 1.68 -23.37
CA PRO A 248 -32.04 3.00 -22.81
C PRO A 248 -31.48 2.86 -21.40
N PHE A 249 -30.35 3.50 -21.14
CA PHE A 249 -29.64 3.36 -19.89
C PHE A 249 -30.00 4.49 -18.93
N THR A 250 -30.33 4.13 -17.69
CA THR A 250 -30.61 5.10 -16.65
C THR A 250 -29.56 4.97 -15.55
N PRO A 251 -28.73 5.98 -15.31
CA PRO A 251 -27.74 5.88 -14.22
C PRO A 251 -28.43 5.66 -12.89
N PRO A 252 -28.03 4.64 -12.14
CA PRO A 252 -28.57 4.47 -10.79
C PRO A 252 -28.46 5.76 -9.99
N PRO A 253 -29.54 6.21 -9.32
CA PRO A 253 -29.52 7.53 -8.71
C PRO A 253 -28.50 7.63 -7.57
N HIS A 254 -28.12 8.86 -7.26
CA HIS A 254 -27.19 9.14 -6.17
C HIS A 254 -27.92 9.05 -4.84
N THR A 255 -27.52 8.10 -4.00
CA THR A 255 -28.01 8.00 -2.64
C THR A 255 -26.92 8.48 -1.69
N GLU A 256 -27.21 8.38 -0.39
CA GLU A 256 -26.23 8.74 0.62
C GLU A 256 -25.22 7.63 0.86
N ASP A 257 -25.54 6.40 0.49
CA ASP A 257 -24.61 5.29 0.59
C ASP A 257 -23.68 5.19 -0.61
N SER A 258 -23.83 6.07 -1.61
CA SER A 258 -22.99 6.02 -2.79
C SER A 258 -21.55 6.40 -2.44
N VAL A 259 -20.61 5.63 -2.98
CA VAL A 259 -19.18 5.85 -2.77
C VAL A 259 -18.54 5.86 -4.15
N TYR A 260 -18.01 7.00 -4.55
CA TYR A 260 -17.36 7.15 -5.84
C TYR A 260 -15.85 7.16 -5.69
N PRO A 261 -15.10 6.85 -6.75
CA PRO A 261 -13.64 6.96 -6.66
C PRO A 261 -13.22 8.41 -6.47
N MET A 262 -12.29 8.64 -5.55
CA MET A 262 -11.85 10.00 -5.27
C MET A 262 -10.92 10.48 -6.38
N PRO A 263 -10.72 11.80 -6.48
CA PRO A 263 -9.91 12.34 -7.57
C PRO A 263 -8.51 11.76 -7.57
N ARG A 264 -7.80 11.99 -8.67
CA ARG A 264 -6.49 11.41 -8.88
C ARG A 264 -5.62 12.38 -9.68
N VAL A 265 -4.32 12.23 -9.51
CA VAL A 265 -3.33 12.98 -10.26
C VAL A 265 -2.48 11.98 -11.03
N ILE A 266 -2.21 12.28 -12.30
CA ILE A 266 -1.42 11.40 -13.14
C ILE A 266 0.05 11.55 -12.77
N PHE A 267 0.67 10.44 -12.35
CA PHE A 267 2.09 10.41 -12.07
C PHE A 267 2.88 10.39 -13.38
N ARG A 268 3.82 11.31 -13.49
CA ARG A 268 4.63 11.44 -14.71
C ARG A 268 6.04 11.84 -14.29
N MET A 269 7.02 11.00 -14.63
CA MET A 269 8.42 11.35 -14.43
C MET A 269 9.29 11.09 -15.65
N PHE A 270 8.74 10.50 -16.73
CA PHE A 270 9.51 10.10 -17.90
C PHE A 270 8.98 10.79 -19.15
N ASP A 271 9.90 11.24 -20.00
CA ASP A 271 9.56 11.56 -21.38
C ASP A 271 10.48 10.80 -22.32
N TYR A 272 10.43 11.11 -23.62
CA TYR A 272 11.20 10.34 -24.60
C TYR A 272 12.70 10.60 -24.50
N THR A 273 13.11 11.72 -23.89
CA THR A 273 14.53 12.05 -23.79
C THR A 273 15.25 11.17 -22.77
N ASP A 274 14.52 10.43 -21.94
CA ASP A 274 15.14 9.60 -20.92
C ASP A 274 15.53 8.23 -21.45
N ASP A 275 15.05 7.84 -22.62
CA ASP A 275 15.51 6.63 -23.33
C ASP A 275 15.77 7.00 -24.78
N PRO A 276 16.86 7.72 -25.06
CA PRO A 276 17.10 8.16 -26.44
C PRO A 276 17.35 7.01 -27.40
N GLU A 277 18.09 5.99 -26.96
CA GLU A 277 18.33 4.81 -27.78
C GLU A 277 17.29 3.75 -27.41
N GLY A 278 16.31 3.57 -28.28
CA GLY A 278 15.22 2.64 -28.04
C GLY A 278 13.94 3.11 -28.69
N PRO A 279 12.87 2.34 -28.53
CA PRO A 279 11.58 2.76 -29.08
C PRO A 279 11.15 4.10 -28.51
N VAL A 280 10.69 4.98 -29.39
CA VAL A 280 10.27 6.31 -28.95
C VAL A 280 9.09 6.17 -27.99
N MET A 281 9.10 6.99 -26.94
CA MET A 281 8.13 6.87 -25.86
C MET A 281 6.89 7.72 -26.18
N PRO A 282 5.68 7.14 -26.11
CA PRO A 282 4.47 7.93 -26.32
C PRO A 282 4.41 9.14 -25.38
N GLY A 283 4.00 10.28 -25.93
CA GLY A 283 3.97 11.51 -25.16
C GLY A 283 2.94 11.47 -24.04
N SER A 284 3.03 12.48 -23.17
CA SER A 284 2.15 12.54 -22.00
C SER A 284 0.71 12.82 -22.41
N HIS A 285 0.50 13.52 -23.53
CA HIS A 285 -0.82 13.86 -24.00
C HIS A 285 -1.30 12.95 -25.13
N SER A 286 -0.69 11.79 -25.29
CA SER A 286 -1.13 10.77 -26.24
C SER A 286 -1.95 9.73 -25.51
N VAL A 287 -3.00 9.22 -26.18
CA VAL A 287 -3.81 8.17 -25.58
C VAL A 287 -3.04 6.86 -25.47
N GLU A 288 -1.99 6.68 -26.28
CA GLU A 288 -1.17 5.49 -26.11
C GLU A 288 -0.59 5.41 -24.70
N ARG A 289 -0.09 6.53 -24.18
CA ARG A 289 0.42 6.55 -22.82
C ARG A 289 -0.67 6.15 -21.83
N PHE A 290 -1.90 6.61 -22.07
CA PHE A 290 -3.01 6.29 -21.19
C PHE A 290 -3.32 4.79 -21.21
N VAL A 291 -3.46 4.22 -22.41
CA VAL A 291 -3.80 2.81 -22.53
C VAL A 291 -2.68 1.93 -21.97
N ILE A 292 -1.43 2.26 -22.29
CA ILE A 292 -0.29 1.50 -21.77
C ILE A 292 -0.33 1.44 -20.25
N GLU A 293 -0.44 2.60 -19.61
CA GLU A 293 -0.38 2.63 -18.15
C GLU A 293 -1.60 1.96 -17.54
N GLU A 294 -2.78 2.23 -18.11
CA GLU A 294 -4.00 1.58 -17.62
C GLU A 294 -3.87 0.07 -17.65
N ASN A 295 -3.29 -0.48 -18.71
CA ASN A 295 -3.15 -1.93 -18.80
C ASN A 295 -2.16 -2.44 -17.76
N LEU A 296 -1.00 -1.79 -17.63
CA LEU A 296 -0.01 -2.23 -16.67
C LEU A 296 -0.56 -2.14 -15.23
N HIS A 297 -1.28 -1.07 -14.92
CA HIS A 297 -1.96 -1.02 -13.63
C HIS A 297 -2.89 -2.20 -13.44
N CYS A 298 -3.60 -2.61 -14.50
CA CYS A 298 -4.55 -3.71 -14.39
C CYS A 298 -3.84 -5.05 -14.22
N ILE A 299 -2.69 -5.23 -14.88
CA ILE A 299 -1.91 -6.45 -14.68
C ILE A 299 -1.53 -6.61 -13.21
N ILE A 300 -1.11 -5.51 -12.58
CA ILE A 300 -0.78 -5.57 -11.16
C ILE A 300 -2.01 -5.90 -10.33
N LYS A 301 -3.13 -5.23 -10.61
CA LYS A 301 -4.35 -5.50 -9.87
C LYS A 301 -4.75 -6.97 -9.94
N SER A 302 -4.44 -7.64 -11.05
CA SER A 302 -4.85 -9.04 -11.19
C SER A 302 -3.88 -9.99 -10.50
N HIS A 303 -2.58 -9.71 -10.59
CA HIS A 303 -1.55 -10.65 -10.16
C HIS A 303 -0.75 -10.18 -8.96
N TRP A 304 -1.19 -9.15 -8.25
CA TRP A 304 -0.40 -8.58 -7.17
C TRP A 304 -0.04 -9.64 -6.12
N LYS A 305 -0.92 -10.63 -5.89
CA LYS A 305 -0.69 -11.61 -4.84
C LYS A 305 0.43 -12.59 -5.19
N GLU A 306 0.85 -12.66 -6.46
CA GLU A 306 1.92 -13.55 -6.88
C GLU A 306 2.97 -12.71 -7.60
N ARG A 307 4.01 -12.32 -6.86
CA ARG A 307 5.07 -11.49 -7.37
C ARG A 307 5.76 -12.03 -8.61
N LYS A 308 6.03 -13.34 -8.65
CA LYS A 308 6.73 -13.91 -9.79
C LYS A 308 5.84 -13.91 -11.03
N THR A 309 4.57 -14.30 -10.87
CA THR A 309 3.64 -14.23 -12.00
C THR A 309 3.40 -12.79 -12.43
N CYS A 310 3.20 -11.89 -11.47
CA CYS A 310 2.97 -10.49 -11.80
C CYS A 310 4.06 -9.92 -12.69
N ALA A 311 5.33 -10.22 -12.38
CA ALA A 311 6.43 -9.68 -13.16
C ALA A 311 6.43 -10.24 -14.58
N ALA A 312 6.18 -11.55 -14.71
CA ALA A 312 6.15 -12.16 -16.04
C ALA A 312 5.06 -11.54 -16.91
N GLN A 313 3.89 -11.27 -16.33
CA GLN A 313 2.80 -10.67 -17.11
C GLN A 313 3.13 -9.25 -17.52
N LEU A 314 3.86 -8.51 -16.70
CA LEU A 314 4.28 -7.17 -17.10
C LEU A 314 5.30 -7.24 -18.23
N VAL A 315 6.27 -8.14 -18.14
CA VAL A 315 7.31 -8.24 -19.16
C VAL A 315 6.72 -8.71 -20.48
N SER A 316 5.78 -9.66 -20.44
CA SER A 316 5.21 -10.21 -21.65
C SER A 316 4.08 -9.36 -22.21
N TYR A 317 3.90 -8.15 -21.72
CA TYR A 317 2.81 -7.29 -22.16
C TYR A 317 2.91 -7.06 -23.67
N PRO A 318 1.91 -7.43 -24.46
CA PRO A 318 1.98 -7.19 -25.91
C PRO A 318 1.48 -5.81 -26.31
N GLY A 319 2.17 -5.22 -27.29
CA GLY A 319 1.67 -4.09 -28.02
C GLY A 319 1.64 -4.42 -29.51
N LYS A 320 0.96 -3.57 -30.27
CA LYS A 320 1.03 -3.67 -31.73
C LYS A 320 2.11 -2.77 -32.30
N ASN A 321 2.85 -2.07 -31.44
CA ASN A 321 4.07 -1.38 -31.82
C ASN A 321 5.00 -1.38 -30.61
N LYS A 322 6.30 -1.34 -30.88
CA LYS A 322 7.29 -1.44 -29.81
C LYS A 322 7.29 -0.17 -28.96
N ILE A 323 7.59 -0.35 -27.68
CA ILE A 323 7.56 0.75 -26.71
C ILE A 323 8.68 0.51 -25.70
N PRO A 324 9.30 1.56 -25.14
CA PRO A 324 10.29 1.36 -24.07
C PRO A 324 9.65 0.75 -22.82
N LEU A 325 9.35 -0.54 -22.89
CA LEU A 325 8.47 -1.15 -21.88
C LEU A 325 9.05 -1.03 -20.48
N ASN A 326 10.37 -1.21 -20.33
CA ASN A 326 10.96 -1.15 -18.99
C ASN A 326 10.70 0.20 -18.34
N TYR A 327 10.69 1.27 -19.13
CA TYR A 327 10.42 2.60 -18.58
C TYR A 327 8.96 2.73 -18.16
N HIS A 328 8.05 2.15 -18.94
CA HIS A 328 6.62 2.18 -18.57
C HIS A 328 6.38 1.37 -17.30
N ILE A 329 7.03 0.22 -17.16
CA ILE A 329 6.83 -0.60 -15.98
C ILE A 329 7.28 0.15 -14.73
N VAL A 330 8.50 0.69 -14.77
CA VAL A 330 9.03 1.39 -13.60
C VAL A 330 8.14 2.56 -13.23
N GLU A 331 7.66 3.31 -14.24
CA GLU A 331 6.85 4.48 -13.97
C GLU A 331 5.51 4.10 -13.38
N VAL A 332 4.90 3.01 -13.88
CA VAL A 332 3.63 2.55 -13.32
C VAL A 332 3.83 2.04 -11.90
N ILE A 333 4.94 1.37 -11.63
CA ILE A 333 5.16 0.84 -10.29
C ILE A 333 5.38 2.00 -9.31
N PHE A 334 6.13 3.01 -9.72
CA PHE A 334 6.31 4.17 -8.86
C PHE A 334 5.05 5.03 -8.80
N ALA A 335 4.23 5.01 -9.86
CA ALA A 335 2.97 5.73 -9.81
C ALA A 335 2.08 5.16 -8.72
N GLU A 336 2.11 3.85 -8.52
CA GLU A 336 1.31 3.23 -7.46
C GLU A 336 1.94 3.45 -6.09
N LEU A 337 3.26 3.31 -5.99
CA LEU A 337 3.91 3.48 -4.69
C LEU A 337 3.74 4.90 -4.15
N PHE A 338 3.68 5.89 -5.04
CA PHE A 338 3.54 7.29 -4.64
C PHE A 338 2.12 7.83 -4.79
N GLN A 339 1.14 6.98 -5.10
CA GLN A 339 -0.22 7.46 -5.28
C GLN A 339 -0.76 8.00 -3.96
N LEU A 340 -1.35 9.20 -4.02
CA LEU A 340 -1.94 9.83 -2.85
C LEU A 340 -3.47 9.74 -2.91
N PRO A 341 -4.13 9.42 -1.78
CA PRO A 341 -3.60 9.26 -0.43
C PRO A 341 -2.81 7.97 -0.17
N ALA A 342 -3.21 6.87 -0.78
CA ALA A 342 -2.60 5.58 -0.46
C ALA A 342 -2.39 4.76 -1.73
N PRO A 343 -1.39 3.90 -1.76
CA PRO A 343 -1.18 3.02 -2.92
C PRO A 343 -2.30 2.00 -3.03
N PRO A 344 -2.50 1.42 -4.22
CA PRO A 344 -3.54 0.38 -4.35
C PRO A 344 -3.26 -0.83 -3.48
N HIS A 345 -2.00 -1.17 -3.24
CA HIS A 345 -1.63 -2.38 -2.51
C HIS A 345 -0.55 -2.04 -1.49
N ILE A 346 -0.28 -3.00 -0.61
CA ILE A 346 0.67 -2.79 0.48
C ILE A 346 2.04 -2.46 -0.09
N ASP A 347 2.76 -1.56 0.59
CA ASP A 347 3.94 -0.92 0.01
C ASP A 347 5.05 -1.93 -0.27
N VAL A 348 5.28 -2.86 0.66
CA VAL A 348 6.36 -3.81 0.50
C VAL A 348 6.22 -4.65 -0.76
N MET A 349 5.00 -4.78 -1.29
CA MET A 349 4.80 -5.53 -2.52
C MET A 349 5.60 -4.94 -3.67
N TYR A 350 5.72 -3.61 -3.72
CA TYR A 350 6.41 -2.98 -4.83
C TYR A 350 7.91 -3.17 -4.76
N THR A 351 8.48 -3.34 -3.56
CA THR A 351 9.91 -3.61 -3.46
C THR A 351 10.23 -4.98 -4.02
N THR A 352 9.46 -5.99 -3.64
CA THR A 352 9.73 -7.35 -4.11
C THR A 352 9.33 -7.53 -5.57
N LEU A 353 8.34 -6.77 -6.04
CA LEU A 353 7.99 -6.84 -7.45
C LEU A 353 9.12 -6.31 -8.33
N LEU A 354 9.84 -5.28 -7.87
CA LEU A 354 10.94 -4.74 -8.65
C LEU A 354 12.13 -5.68 -8.67
N ILE A 355 12.39 -6.39 -7.57
CA ILE A 355 13.45 -7.38 -7.55
C ILE A 355 13.15 -8.49 -8.55
N GLU A 356 11.94 -9.07 -8.47
CA GLU A 356 11.53 -10.07 -9.45
C GLU A 356 11.74 -9.55 -10.88
N LEU A 357 11.38 -8.30 -11.14
CA LEU A 357 11.57 -7.75 -12.47
C LEU A 357 13.06 -7.67 -12.81
N CYS A 358 13.90 -7.31 -11.84
CA CYS A 358 15.33 -7.30 -12.08
C CYS A 358 15.85 -8.69 -12.42
N LYS A 359 15.38 -9.72 -11.70
CA LYS A 359 15.78 -11.09 -12.02
C LYS A 359 15.39 -11.48 -13.44
N LEU A 360 14.29 -10.96 -13.94
CA LEU A 360 13.76 -11.38 -15.23
C LEU A 360 14.28 -10.51 -16.38
N GLN A 361 14.85 -9.35 -16.08
CA GLN A 361 15.45 -8.48 -17.11
C GLN A 361 16.77 -7.93 -16.57
N PRO A 362 17.72 -8.81 -16.23
CA PRO A 362 18.92 -8.34 -15.53
C PRO A 362 19.80 -7.43 -16.37
N GLY A 363 19.65 -7.43 -17.69
CA GLY A 363 20.45 -6.60 -18.56
C GLY A 363 19.81 -5.30 -18.97
N SER A 364 18.56 -5.05 -18.60
CA SER A 364 17.87 -3.83 -19.02
C SER A 364 17.24 -3.09 -17.85
N LEU A 365 16.47 -3.79 -17.03
CA LEU A 365 15.65 -3.11 -16.01
C LEU A 365 16.49 -2.50 -14.90
N PRO A 366 17.49 -3.21 -14.36
CA PRO A 366 18.24 -2.63 -13.22
C PRO A 366 18.78 -1.24 -13.48
N GLN A 367 19.20 -0.96 -14.71
CA GLN A 367 19.74 0.37 -15.02
C GLN A 367 18.65 1.39 -15.28
N VAL A 368 17.46 0.96 -15.74
CA VAL A 368 16.31 1.85 -15.79
C VAL A 368 15.87 2.22 -14.37
N LEU A 369 15.80 1.22 -13.49
CA LEU A 369 15.49 1.49 -12.10
C LEU A 369 16.48 2.48 -11.47
N ALA A 370 17.78 2.27 -11.71
CA ALA A 370 18.79 3.16 -11.13
C ALA A 370 18.66 4.55 -11.71
N GLN A 371 18.41 4.66 -13.01
CA GLN A 371 18.17 5.96 -13.62
C GLN A 371 16.99 6.67 -12.98
N ALA A 372 15.94 5.91 -12.63
CA ALA A 372 14.77 6.48 -11.98
C ALA A 372 15.09 6.92 -10.55
N THR A 373 15.95 6.17 -9.86
CA THR A 373 16.32 6.56 -8.49
C THR A 373 17.08 7.88 -8.49
N GLU A 374 17.99 8.07 -9.46
CA GLU A 374 18.68 9.35 -9.59
C GLU A 374 17.70 10.48 -9.87
N MET A 375 16.69 10.23 -10.71
CA MET A 375 15.73 11.28 -11.05
C MET A 375 14.91 11.69 -9.84
N LEU A 376 14.39 10.71 -9.10
CA LEU A 376 13.62 11.02 -7.91
C LEU A 376 14.47 11.82 -6.92
N TYR A 377 15.72 11.43 -6.73
CA TYR A 377 16.61 12.14 -5.83
C TYR A 377 16.75 13.60 -6.25
N MET A 378 17.01 13.85 -7.53
CA MET A 378 17.24 15.20 -8.04
C MET A 378 15.98 16.06 -8.02
N ARG A 379 14.79 15.47 -7.86
CA ARG A 379 13.54 16.22 -7.80
C ARG A 379 12.95 16.23 -6.40
N LEU A 380 13.73 15.87 -5.38
CA LEU A 380 13.21 15.81 -4.02
C LEU A 380 12.74 17.16 -3.52
N ASP A 381 13.23 18.26 -4.10
CA ASP A 381 12.99 19.58 -3.53
C ASP A 381 11.50 19.85 -3.36
N THR A 382 10.67 19.44 -4.32
CA THR A 382 9.24 19.66 -4.27
C THR A 382 8.44 18.36 -4.09
N MET A 383 9.10 17.28 -3.69
CA MET A 383 8.38 16.02 -3.53
C MET A 383 7.49 16.06 -2.30
N ASN A 384 6.29 15.51 -2.45
CA ASN A 384 5.36 15.43 -1.34
C ASN A 384 5.94 14.58 -0.21
N THR A 385 5.81 15.08 1.02
CA THR A 385 6.46 14.44 2.16
C THR A 385 5.97 13.02 2.39
N THR A 386 4.69 12.76 2.11
CA THR A 386 4.20 11.38 2.22
C THR A 386 4.90 10.49 1.21
N CYS A 387 5.24 11.02 0.03
CA CYS A 387 5.94 10.26 -0.98
C CYS A 387 7.43 10.15 -0.67
N VAL A 388 8.04 11.19 -0.10
CA VAL A 388 9.44 11.08 0.33
C VAL A 388 9.60 9.95 1.34
N ASP A 389 8.63 9.81 2.24
CA ASP A 389 8.70 8.73 3.23
C ASP A 389 8.69 7.37 2.55
N ARG A 390 7.79 7.18 1.58
CA ARG A 390 7.72 5.90 0.88
C ARG A 390 8.97 5.67 0.04
N PHE A 391 9.50 6.73 -0.57
CA PHE A 391 10.76 6.63 -1.29
C PHE A 391 11.89 6.17 -0.36
N ILE A 392 11.93 6.73 0.85
CA ILE A 392 12.95 6.35 1.82
C ILE A 392 12.81 4.87 2.20
N ASN A 393 11.60 4.45 2.53
CA ASN A 393 11.39 3.07 2.97
C ASN A 393 11.68 2.08 1.85
N TRP A 394 11.31 2.40 0.61
CA TRP A 394 11.60 1.50 -0.49
C TRP A 394 13.11 1.41 -0.73
N PHE A 395 13.75 2.56 -0.95
CA PHE A 395 15.16 2.56 -1.34
C PHE A 395 16.03 1.85 -0.31
N SER A 396 15.78 2.09 0.98
CA SER A 396 16.53 1.40 2.02
C SER A 396 16.28 -0.11 1.98
N HIS A 397 15.02 -0.51 1.78
CA HIS A 397 14.72 -1.94 1.69
C HIS A 397 15.32 -2.56 0.44
N HIS A 398 15.25 -1.83 -0.67
CA HIS A 398 15.89 -2.29 -1.91
C HIS A 398 17.38 -2.50 -1.71
N LEU A 399 18.07 -1.50 -1.15
CA LEU A 399 19.51 -1.60 -0.94
C LEU A 399 19.87 -2.78 -0.06
N SER A 400 19.07 -3.04 0.98
CA SER A 400 19.38 -4.15 1.88
C SER A 400 19.29 -5.50 1.18
N ASN A 401 18.66 -5.56 0.01
CA ASN A 401 18.62 -6.77 -0.78
C ASN A 401 19.73 -6.84 -1.83
N PHE A 402 20.53 -5.78 -1.94
CA PHE A 402 21.59 -5.68 -2.94
C PHE A 402 22.90 -5.26 -2.28
N GLN A 403 23.15 -5.75 -1.08
CA GLN A 403 24.43 -5.59 -0.39
C GLN A 403 24.69 -4.15 0.06
N PHE A 404 23.66 -3.29 0.09
CA PHE A 404 23.85 -1.89 0.43
C PHE A 404 24.85 -1.23 -0.50
N ARG A 405 24.87 -1.67 -1.75
CA ARG A 405 25.78 -1.13 -2.75
C ARG A 405 25.08 0.01 -3.49
N TRP A 406 25.71 1.17 -3.49
CA TRP A 406 25.18 2.33 -4.17
C TRP A 406 26.33 3.30 -4.42
N SER A 407 26.21 4.07 -5.50
CA SER A 407 27.20 5.09 -5.84
C SER A 407 26.84 6.37 -5.11
N TRP A 408 27.26 6.43 -3.84
CA TRP A 408 26.97 7.60 -3.02
C TRP A 408 27.70 8.84 -3.53
N GLU A 409 28.89 8.65 -4.11
CA GLU A 409 29.66 9.77 -4.65
C GLU A 409 28.82 10.60 -5.61
N ASP A 410 27.90 9.97 -6.34
CA ASP A 410 27.05 10.70 -7.27
C ASP A 410 26.21 11.74 -6.56
N TRP A 411 25.93 11.52 -5.28
CA TRP A 411 25.10 12.42 -4.48
C TRP A 411 25.93 13.27 -3.54
N SER A 412 27.26 13.32 -3.72
CA SER A 412 28.13 14.04 -2.81
C SER A 412 27.77 15.52 -2.68
N ASP A 413 26.97 16.06 -3.60
CA ASP A 413 26.67 17.48 -3.56
C ASP A 413 25.63 17.85 -2.51
N CYS A 414 25.05 16.86 -1.83
CA CYS A 414 24.17 17.16 -0.70
C CYS A 414 24.97 17.46 0.57
N LEU A 415 26.25 17.06 0.61
CA LEU A 415 27.08 17.32 1.77
C LEU A 415 27.35 18.81 1.96
N SER A 416 27.24 19.60 0.89
CA SER A 416 27.51 21.03 0.94
C SER A 416 26.28 21.86 1.30
N GLN A 417 25.10 21.26 1.38
CA GLN A 417 23.87 22.00 1.61
C GLN A 417 23.55 22.05 3.10
N ASP A 418 22.52 22.82 3.42
CA ASP A 418 21.99 22.83 4.77
C ASP A 418 21.57 21.41 5.16
N PRO A 419 22.00 20.89 6.31
CA PRO A 419 21.62 19.51 6.68
C PRO A 419 20.12 19.27 6.69
N GLU A 420 19.30 20.31 6.80
CA GLU A 420 17.86 20.17 6.86
C GLU A 420 17.20 20.31 5.48
N SER A 421 17.99 20.43 4.42
CA SER A 421 17.42 20.47 3.08
C SER A 421 16.96 19.08 2.64
N PRO A 422 16.11 19.01 1.62
CA PRO A 422 15.52 17.71 1.25
C PRO A 422 16.51 16.62 0.91
N LYS A 423 17.55 16.93 0.11
CA LYS A 423 18.49 15.87 -0.28
C LYS A 423 19.27 15.34 0.92
N PRO A 424 19.99 16.17 1.68
CA PRO A 424 20.72 15.63 2.84
C PRO A 424 19.81 14.97 3.87
N LYS A 425 18.59 15.49 4.05
CA LYS A 425 17.65 14.84 4.95
C LYS A 425 17.22 13.48 4.41
N PHE A 426 17.01 13.38 3.10
CA PHE A 426 16.73 12.08 2.48
C PHE A 426 17.83 11.08 2.77
N VAL A 427 19.08 11.45 2.50
CA VAL A 427 20.19 10.51 2.71
C VAL A 427 20.30 10.12 4.18
N ARG A 428 20.13 11.08 5.09
CA ARG A 428 20.21 10.75 6.50
C ARG A 428 19.15 9.70 6.87
N GLU A 429 17.91 9.92 6.46
CA GLU A 429 16.84 8.96 6.76
C GLU A 429 17.13 7.60 6.12
N VAL A 430 17.61 7.59 4.88
CA VAL A 430 17.94 6.33 4.22
C VAL A 430 18.95 5.54 5.05
N LEU A 431 20.03 6.19 5.47
CA LEU A 431 21.07 5.48 6.20
C LEU A 431 20.59 5.02 7.57
N GLU A 432 19.71 5.79 8.21
CA GLU A 432 19.10 5.32 9.45
C GLU A 432 18.25 4.08 9.20
N LYS A 433 17.49 4.06 8.10
CA LYS A 433 16.70 2.87 7.77
C LYS A 433 17.60 1.68 7.46
N CYS A 434 18.71 1.91 6.76
CA CYS A 434 19.65 0.82 6.47
C CYS A 434 20.24 0.25 7.75
N MET A 435 20.58 1.12 8.71
CA MET A 435 21.04 0.63 10.01
C MET A 435 19.97 -0.23 10.68
N ARG A 436 18.73 0.24 10.69
CA ARG A 436 17.64 -0.53 11.28
C ARG A 436 17.50 -1.91 10.66
N LEU A 437 17.95 -2.09 9.42
CA LEU A 437 17.91 -3.38 8.74
C LEU A 437 19.22 -4.14 8.87
N SER A 438 20.28 -3.48 9.32
CA SER A 438 21.60 -4.09 9.43
C SER A 438 22.15 -3.84 10.82
N TYR A 439 23.10 -2.92 10.93
CA TYR A 439 23.64 -2.51 12.22
C TYR A 439 24.61 -1.36 11.98
N HIS A 440 24.92 -0.63 13.06
CA HIS A 440 25.58 0.66 12.94
C HIS A 440 26.90 0.55 12.18
N GLN A 441 27.76 -0.39 12.57
CA GLN A 441 29.10 -0.43 11.99
C GLN A 441 29.05 -0.77 10.50
N ARG A 442 28.12 -1.66 10.10
CA ARG A 442 27.97 -1.97 8.69
C ARG A 442 27.75 -0.71 7.85
N ILE A 443 27.01 0.26 8.38
CA ILE A 443 26.68 1.44 7.58
C ILE A 443 27.85 2.42 7.55
N LEU A 444 28.68 2.44 8.59
CA LEU A 444 29.88 3.29 8.55
C LEU A 444 30.90 2.75 7.54
N ASP A 445 30.89 1.45 7.30
CA ASP A 445 31.87 0.86 6.38
C ASP A 445 31.47 1.03 4.92
N ILE A 446 30.16 0.97 4.62
CA ILE A 446 29.73 0.98 3.23
C ILE A 446 29.60 2.38 2.65
N VAL A 447 29.50 3.42 3.47
CA VAL A 447 29.39 4.78 2.97
C VAL A 447 30.78 5.39 2.84
N PRO A 448 31.01 6.30 1.90
CA PRO A 448 32.31 6.95 1.81
C PRO A 448 32.61 7.70 3.10
N PRO A 449 33.89 7.88 3.43
CA PRO A 449 34.22 8.60 4.67
C PRO A 449 33.68 10.02 4.72
N THR A 450 33.34 10.61 3.57
CA THR A 450 32.84 11.98 3.53
C THR A 450 31.39 12.08 3.92
N PHE A 451 30.68 10.96 4.11
CA PHE A 451 29.26 10.94 4.43
C PHE A 451 29.00 10.73 5.91
N SER A 452 30.03 10.75 6.75
CA SER A 452 29.84 10.45 8.17
C SER A 452 28.93 11.45 8.88
N ALA A 453 28.77 12.65 8.33
CA ALA A 453 27.87 13.63 8.95
C ALA A 453 26.41 13.22 8.80
N LEU A 454 26.08 12.44 7.77
CA LEU A 454 24.72 11.96 7.57
C LEU A 454 24.47 10.58 8.18
N CYS A 455 25.48 9.99 8.82
CA CYS A 455 25.29 8.67 9.42
C CYS A 455 24.61 8.78 10.78
N PRO A 456 23.87 7.75 11.19
CA PRO A 456 23.15 7.82 12.46
C PRO A 456 24.07 7.66 13.65
N VAL A 457 23.67 8.29 14.77
CA VAL A 457 24.43 8.15 16.00
C VAL A 457 24.37 6.68 16.44
N ASN A 458 25.42 6.24 17.11
CA ASN A 458 25.44 4.87 17.63
C ASN A 458 24.31 4.71 18.64
N PRO A 459 23.37 3.59 18.49
CA PRO A 459 22.16 3.48 19.33
C PRO A 459 22.39 2.81 20.68
N THR A 460 22.92 3.58 21.63
CA THR A 460 23.18 3.11 22.98
C THR A 460 22.35 3.93 23.96
N CYS A 461 21.80 3.25 24.97
CA CYS A 461 21.01 3.93 25.98
C CYS A 461 21.89 4.88 26.77
N ILE A 462 21.23 5.80 27.49
CA ILE A 462 21.89 6.78 28.34
C ILE A 462 21.32 6.60 29.75
N TYR A 463 22.13 6.07 30.66
CA TYR A 463 21.73 5.87 32.04
C TYR A 463 22.12 7.08 32.87
N LYS A 464 21.14 7.68 33.55
CA LYS A 464 21.38 8.92 34.29
C LYS A 464 22.17 8.67 35.56
N TYR A 465 21.99 7.52 36.19
CA TYR A 465 22.63 7.21 37.47
C TYR A 465 23.76 6.20 37.33
N GLY A 466 24.38 6.13 36.15
CA GLY A 466 25.52 5.27 35.95
C GLY A 466 26.73 5.75 36.74
N ASP A 467 27.86 5.09 36.48
CA ASP A 467 29.08 5.35 37.25
C ASP A 467 29.42 6.83 37.27
N GLU A 468 29.54 7.45 36.09
CA GLU A 468 29.94 8.85 36.01
C GLU A 468 28.97 9.77 36.74
N SER A 469 27.74 9.32 36.99
CA SER A 469 26.75 10.17 37.63
C SER A 469 27.25 10.65 38.99
N SER A 470 26.83 11.86 39.35
CA SER A 470 27.20 12.44 40.64
C SER A 470 26.26 11.95 41.72
N ASN A 471 26.83 11.62 42.89
CA ASN A 471 26.01 11.25 44.03
C ASN A 471 25.13 12.41 44.48
N SER A 472 25.46 13.64 44.08
CA SER A 472 24.63 14.79 44.39
C SER A 472 23.34 14.82 43.60
N LEU A 473 23.19 13.95 42.60
CA LEU A 473 21.98 13.94 41.80
C LEU A 473 20.79 13.47 42.65
N PRO A 474 19.63 14.10 42.52
CA PRO A 474 18.46 13.66 43.31
C PRO A 474 18.07 12.22 42.98
N GLY A 475 17.93 11.41 44.02
CA GLY A 475 17.50 10.04 43.85
C GLY A 475 18.59 9.08 43.42
N HIS A 476 19.84 9.52 43.35
CA HIS A 476 20.93 8.59 43.06
C HIS A 476 20.89 7.41 44.03
N SER A 477 20.67 7.69 45.32
CA SER A 477 20.63 6.64 46.32
C SER A 477 19.52 5.63 46.02
N VAL A 478 18.31 6.13 45.76
CA VAL A 478 17.19 5.23 45.49
C VAL A 478 17.42 4.47 44.19
N ALA A 479 18.01 5.13 43.18
CA ALA A 479 18.31 4.45 41.93
C ALA A 479 19.18 3.23 42.15
N LEU A 480 20.16 3.33 43.07
CA LEU A 480 21.02 2.20 43.35
C LEU A 480 20.29 1.11 44.13
N CYS A 481 19.30 1.50 44.94
CA CYS A 481 18.47 0.49 45.61
C CYS A 481 17.63 -0.28 44.62
N LEU A 482 17.02 0.42 43.66
CA LEU A 482 16.22 -0.23 42.62
C LEU A 482 17.07 -1.15 41.78
N ALA A 483 18.28 -0.71 41.41
CA ALA A 483 19.16 -1.53 40.59
C ALA A 483 19.42 -2.89 41.24
N VAL A 484 19.48 -2.93 42.56
CA VAL A 484 19.69 -4.20 43.27
C VAL A 484 18.39 -4.99 43.35
N ALA A 485 17.29 -4.32 43.70
CA ALA A 485 16.01 -5.01 43.86
C ALA A 485 15.56 -5.65 42.55
N PHE A 486 15.80 -5.00 41.42
CA PHE A 486 15.43 -5.58 40.14
C PHE A 486 16.19 -6.87 39.90
N LYS A 487 17.51 -6.85 40.12
CA LYS A 487 18.31 -8.06 39.94
C LYS A 487 17.99 -9.11 41.00
N SER A 488 17.45 -8.70 42.14
CA SER A 488 16.99 -9.64 43.15
C SER A 488 15.63 -10.23 42.83
N LYS A 489 15.04 -9.88 41.69
CA LYS A 489 13.72 -10.36 41.30
C LYS A 489 12.64 -9.87 42.28
N ALA A 490 12.87 -8.70 42.87
CA ALA A 490 11.91 -8.12 43.79
C ALA A 490 10.54 -8.01 43.13
N THR A 491 9.51 -8.11 43.96
CA THR A 491 8.13 -8.01 43.47
C THR A 491 7.73 -6.54 43.37
N ASN A 492 6.46 -6.29 43.07
CA ASN A 492 5.99 -4.92 42.88
C ASN A 492 5.99 -4.16 44.20
N ASP A 493 5.28 -4.69 45.21
CA ASP A 493 5.11 -3.94 46.46
C ASP A 493 6.45 -3.57 47.07
N GLU A 494 7.44 -4.46 46.99
CA GLU A 494 8.77 -4.12 47.46
C GLU A 494 9.29 -2.87 46.76
N ILE A 495 9.07 -2.76 45.45
CA ILE A 495 9.50 -1.56 44.73
C ILE A 495 8.70 -0.35 45.19
N PHE A 496 7.41 -0.52 45.48
CA PHE A 496 6.62 0.57 46.02
C PHE A 496 7.23 1.12 47.29
N SER A 497 7.61 0.23 48.21
CA SER A 497 8.22 0.67 49.47
C SER A 497 9.56 1.34 49.22
N ILE A 498 10.36 0.81 48.28
CA ILE A 498 11.61 1.47 47.93
C ILE A 498 11.35 2.88 47.42
N LEU A 499 10.17 3.12 46.88
CA LEU A 499 9.79 4.45 46.40
C LEU A 499 8.81 5.10 47.37
N PHE A 517 1.39 12.93 42.03
CA PHE A 517 2.39 12.88 40.98
C PHE A 517 3.77 13.32 41.47
N ASN A 518 4.74 12.42 41.36
CA ASN A 518 6.13 12.71 41.75
C ASN A 518 7.05 12.47 40.56
N PRO A 519 7.65 13.50 39.97
CA PRO A 519 8.51 13.27 38.80
C PRO A 519 9.72 12.41 39.08
N LEU A 520 10.31 12.52 40.27
CA LEU A 520 11.55 11.80 40.56
C LEU A 520 11.30 10.30 40.70
N LYS A 521 10.18 9.91 41.31
CA LYS A 521 9.86 8.50 41.44
C LYS A 521 9.72 7.84 40.07
N ILE A 522 9.08 8.53 39.12
CA ILE A 522 9.03 8.04 37.75
C ILE A 522 10.43 8.02 37.14
N GLU A 523 11.17 9.12 37.32
CA GLU A 523 12.48 9.23 36.69
C GLU A 523 13.42 8.11 37.13
N VAL A 524 13.55 7.90 38.44
CA VAL A 524 14.46 6.87 38.92
C VAL A 524 13.95 5.48 38.55
N PHE A 525 12.64 5.28 38.61
CA PHE A 525 12.08 3.96 38.29
C PHE A 525 12.30 3.63 36.82
N VAL A 526 11.94 4.55 35.93
CA VAL A 526 12.06 4.28 34.49
C VAL A 526 13.52 4.20 34.09
N GLN A 527 14.33 5.18 34.51
CA GLN A 527 15.75 5.16 34.18
C GLN A 527 16.39 3.82 34.55
N THR A 528 16.09 3.32 35.74
CA THR A 528 16.71 2.09 36.20
C THR A 528 16.15 0.87 35.47
N LEU A 529 14.84 0.83 35.28
CA LEU A 529 14.23 -0.34 34.64
C LEU A 529 14.68 -0.46 33.18
N LEU A 530 14.63 0.64 32.42
CA LEU A 530 15.05 0.60 31.03
C LEU A 530 16.54 0.27 30.92
N HIS A 531 17.35 0.85 31.80
CA HIS A 531 18.79 0.59 31.74
C HIS A 531 19.09 -0.89 31.92
N LEU A 532 18.42 -1.55 32.86
CA LEU A 532 18.70 -2.94 33.16
C LEU A 532 18.14 -3.90 32.12
N ALA A 533 17.15 -3.48 31.33
CA ALA A 533 16.55 -4.33 30.31
C ALA A 533 17.00 -3.97 28.91
N ALA A 534 18.01 -3.12 28.77
CA ALA A 534 18.38 -2.55 27.47
C ALA A 534 18.91 -3.58 26.48
N LYS A 535 19.08 -4.85 26.86
CA LYS A 535 19.76 -5.78 25.97
C LYS A 535 18.96 -6.02 24.68
N SER A 536 17.64 -6.06 24.77
CA SER A 536 16.82 -6.38 23.61
C SER A 536 15.40 -5.88 23.85
N PHE A 537 14.55 -6.02 22.82
CA PHE A 537 13.15 -5.66 22.96
C PHE A 537 12.41 -6.64 23.85
N SER A 538 12.78 -7.93 23.79
CA SER A 538 12.11 -8.92 24.62
C SER A 538 12.27 -8.59 26.11
N HIS A 539 13.47 -8.22 26.52
CA HIS A 539 13.71 -7.91 27.93
C HIS A 539 12.94 -6.66 28.36
N SER A 540 12.84 -5.67 27.47
CA SER A 540 12.11 -4.45 27.82
C SER A 540 10.61 -4.72 27.94
N PHE A 541 10.04 -5.48 27.01
CA PHE A 541 8.63 -5.82 27.10
C PHE A 541 8.33 -6.69 28.32
N SER A 542 9.25 -7.60 28.65
CA SER A 542 9.10 -8.39 29.87
C SER A 542 9.10 -7.48 31.10
N ALA A 543 10.00 -6.51 31.14
CA ALA A 543 10.10 -5.62 32.30
C ALA A 543 8.82 -4.80 32.46
N LEU A 544 8.32 -4.21 31.37
CA LEU A 544 7.08 -3.46 31.46
C LEU A 544 5.93 -4.33 31.97
N ALA A 545 5.90 -5.59 31.53
CA ALA A 545 4.79 -6.47 31.92
C ALA A 545 4.90 -6.91 33.37
N LYS A 546 6.13 -7.19 33.83
CA LYS A 546 6.32 -7.64 35.20
C LYS A 546 5.95 -6.54 36.19
N PHE A 547 6.43 -5.32 35.95
CA PHE A 547 6.14 -4.18 36.81
C PHE A 547 5.05 -3.29 36.22
N HIS A 548 4.14 -3.86 35.43
CA HIS A 548 3.05 -3.08 34.86
C HIS A 548 2.25 -2.37 35.94
N GLU A 549 1.93 -3.08 37.03
CA GLU A 549 1.17 -2.47 38.11
C GLU A 549 1.83 -1.20 38.61
N VAL A 550 3.17 -1.19 38.68
CA VAL A 550 3.88 0.00 39.14
C VAL A 550 3.59 1.18 38.22
N PHE A 551 3.74 0.98 36.91
CA PHE A 551 3.49 2.05 35.96
C PHE A 551 2.09 2.64 36.15
N LYS A 552 1.07 1.78 36.21
CA LYS A 552 -0.30 2.28 36.32
C LYS A 552 -0.51 3.12 37.58
N THR A 553 0.27 2.88 38.63
CA THR A 553 0.10 3.59 39.89
C THR A 553 0.58 5.03 39.78
N LEU A 554 1.88 5.22 39.63
CA LEU A 554 2.47 6.56 39.62
C LEU A 554 2.36 7.27 38.28
N ALA A 555 1.78 6.62 37.26
CA ALA A 555 1.56 7.25 35.96
C ALA A 555 0.09 7.40 35.64
N GLU A 556 -0.79 7.35 36.65
CA GLU A 556 -2.22 7.48 36.38
C GLU A 556 -2.58 8.91 36.01
N SER A 557 -1.90 9.89 36.61
CA SER A 557 -2.11 11.27 36.20
C SER A 557 -1.67 11.46 34.76
N ASP A 558 -2.42 12.28 34.02
CA ASP A 558 -2.05 12.56 32.64
C ASP A 558 -0.64 13.13 32.56
N GLU A 559 -0.28 14.04 33.48
CA GLU A 559 1.08 14.56 33.51
C GLU A 559 2.09 13.48 33.88
N GLY A 560 1.65 12.41 34.55
CA GLY A 560 2.55 11.29 34.79
C GLY A 560 2.87 10.55 33.50
N LYS A 561 1.84 10.21 32.72
CA LYS A 561 2.05 9.62 31.41
C LYS A 561 3.04 10.46 30.60
N LEU A 562 2.85 11.77 30.57
CA LEU A 562 3.77 12.65 29.85
C LEU A 562 5.20 12.48 30.34
N HIS A 563 5.38 12.24 31.64
CA HIS A 563 6.73 12.18 32.19
C HIS A 563 7.37 10.81 31.96
N VAL A 564 6.56 9.75 31.87
CA VAL A 564 7.09 8.45 31.46
C VAL A 564 7.71 8.57 30.07
N LEU A 565 6.97 9.18 29.13
CA LEU A 565 7.49 9.37 27.79
C LEU A 565 8.72 10.26 27.79
N ARG A 566 8.68 11.35 28.56
CA ARG A 566 9.83 12.25 28.63
C ARG A 566 11.08 11.52 29.09
N VAL A 567 10.97 10.71 30.13
CA VAL A 567 12.14 10.02 30.67
C VAL A 567 12.56 8.90 29.71
N MET A 568 11.60 8.10 29.25
CA MET A 568 11.91 7.05 28.29
C MET A 568 12.70 7.58 27.11
N PHE A 569 12.35 8.79 26.65
CA PHE A 569 13.09 9.38 25.53
C PHE A 569 14.52 9.73 25.94
N GLU A 570 14.71 10.28 27.15
CA GLU A 570 16.05 10.66 27.58
C GLU A 570 16.99 9.47 27.59
N VAL A 571 16.47 8.28 27.84
CA VAL A 571 17.30 7.07 27.85
C VAL A 571 17.63 6.63 26.43
N TRP A 572 16.65 6.66 25.53
CA TRP A 572 16.75 6.00 24.23
C TRP A 572 16.76 6.99 23.07
N ARG A 573 16.99 8.28 23.32
CA ARG A 573 16.95 9.27 22.25
C ARG A 573 17.85 8.91 21.07
N ASN A 574 18.90 8.13 21.30
CA ASN A 574 19.81 7.73 20.22
C ASN A 574 19.36 6.46 19.51
N HIS A 575 18.24 5.88 19.90
CA HIS A 575 17.78 4.59 19.36
C HIS A 575 16.32 4.73 18.94
N PRO A 576 16.04 5.45 17.85
CA PRO A 576 14.65 5.70 17.47
C PRO A 576 13.80 4.45 17.31
N GLN A 577 14.38 3.33 16.94
CA GLN A 577 13.59 2.11 16.79
C GLN A 577 13.06 1.64 18.14
N MET A 578 13.88 1.73 19.19
CA MET A 578 13.44 1.33 20.52
C MET A 578 12.31 2.22 21.02
N ILE A 579 12.37 3.51 20.72
CA ILE A 579 11.35 4.45 21.18
C ILE A 579 10.00 4.09 20.56
N ALA A 580 10.00 3.76 19.26
CA ALA A 580 8.73 3.44 18.58
C ALA A 580 8.09 2.19 19.17
N VAL A 581 8.89 1.15 19.46
CA VAL A 581 8.33 -0.10 19.96
C VAL A 581 7.87 0.06 21.41
N LEU A 582 8.59 0.85 22.20
CA LEU A 582 8.19 1.08 23.58
C LEU A 582 6.90 1.90 23.64
N VAL A 583 6.80 2.96 22.83
CA VAL A 583 5.57 3.72 22.77
C VAL A 583 4.42 2.82 22.34
N ASP A 584 4.67 1.96 21.36
CA ASP A 584 3.63 1.04 20.91
C ASP A 584 3.19 0.13 22.05
N LYS A 585 4.14 -0.42 22.81
CA LYS A 585 3.79 -1.37 23.85
C LYS A 585 3.06 -0.70 25.00
N MET A 586 3.48 0.51 25.38
CA MET A 586 2.85 1.20 26.49
C MET A 586 1.41 1.61 26.17
N ILE A 587 1.11 1.93 24.91
CA ILE A 587 -0.27 2.19 24.52
C ILE A 587 -1.10 0.91 24.64
N ARG A 588 -0.61 -0.19 24.07
CA ARG A 588 -1.39 -1.42 24.06
C ARG A 588 -1.63 -1.94 25.48
N THR A 589 -0.71 -1.68 26.40
CA THR A 589 -0.85 -2.10 27.79
C THR A 589 -1.43 -1.01 28.67
N GLN A 590 -1.88 0.09 28.08
CA GLN A 590 -2.57 1.18 28.79
C GLN A 590 -1.67 1.85 29.82
N ILE A 591 -0.35 1.78 29.67
CA ILE A 591 0.53 2.56 30.54
C ILE A 591 0.43 4.04 30.20
N VAL A 592 0.39 4.36 28.91
CA VAL A 592 0.11 5.72 28.45
C VAL A 592 -1.12 5.64 27.55
N ASP A 593 -1.60 6.80 27.10
CA ASP A 593 -2.72 6.85 26.17
C ASP A 593 -2.30 7.66 24.95
N CYS A 594 -3.19 7.68 23.95
CA CYS A 594 -2.85 8.33 22.69
C CYS A 594 -2.72 9.83 22.83
N ALA A 595 -3.49 10.44 23.75
CA ALA A 595 -3.37 11.87 23.98
C ALA A 595 -2.01 12.23 24.58
N ALA A 596 -1.49 11.38 25.47
CA ALA A 596 -0.16 11.61 26.02
C ALA A 596 0.90 11.59 24.92
N VAL A 597 0.79 10.63 23.99
CA VAL A 597 1.74 10.57 22.89
C VAL A 597 1.65 11.82 22.02
N ALA A 598 0.43 12.20 21.64
CA ALA A 598 0.24 13.40 20.83
C ALA A 598 0.89 14.61 21.48
N ASN A 599 0.62 14.85 22.77
CA ASN A 599 1.25 15.97 23.46
C ASN A 599 2.76 15.79 23.56
N TRP A 600 3.22 14.54 23.62
CA TRP A 600 4.66 14.27 23.71
C TRP A 600 5.35 14.63 22.39
N ILE A 601 4.73 14.32 21.26
CA ILE A 601 5.34 14.61 19.96
C ILE A 601 5.65 16.09 19.82
N PHE A 602 4.86 16.96 20.44
CA PHE A 602 5.01 18.41 20.29
C PHE A 602 5.71 19.05 21.47
N SER A 603 6.16 18.27 22.45
CA SER A 603 6.83 18.82 23.60
C SER A 603 8.18 19.44 23.19
N SER A 604 8.75 20.22 24.11
CA SER A 604 10.00 20.91 23.82
C SER A 604 11.18 19.94 23.76
N GLU A 605 11.13 18.85 24.52
CA GLU A 605 12.25 17.91 24.53
C GLU A 605 12.43 17.22 23.18
N LEU A 606 11.39 17.18 22.34
CA LEU A 606 11.48 16.59 21.02
C LEU A 606 11.66 17.63 19.92
N SER A 607 11.80 18.91 20.28
CA SER A 607 11.86 19.96 19.27
C SER A 607 13.00 19.74 18.29
N ARG A 608 14.15 19.27 18.78
CA ARG A 608 15.30 19.06 17.91
C ARG A 608 15.07 17.92 16.93
N ASP A 609 14.32 16.89 17.35
CA ASP A 609 14.01 15.74 16.51
C ASP A 609 12.66 15.85 15.81
N PHE A 610 12.01 17.01 15.89
CA PHE A 610 10.63 17.14 15.42
C PHE A 610 10.52 16.85 13.94
N THR A 611 11.44 17.38 13.12
CA THR A 611 11.36 17.18 11.68
C THR A 611 11.70 15.76 11.25
N ARG A 612 12.33 14.98 12.13
CA ARG A 612 12.81 13.66 11.75
C ARG A 612 11.65 12.71 11.50
N LEU A 613 11.96 11.63 10.78
CA LEU A 613 10.92 10.75 10.25
C LEU A 613 10.26 9.92 11.35
N PHE A 614 11.07 9.24 12.17
CA PHE A 614 10.51 8.30 13.15
C PHE A 614 9.46 8.94 14.05
N VAL A 615 9.49 10.27 14.22
CA VAL A 615 8.49 10.92 15.06
C VAL A 615 7.12 10.76 14.45
N TRP A 616 7.01 10.99 13.14
CA TRP A 616 5.72 10.94 12.46
C TRP A 616 5.26 9.50 12.22
N GLU A 617 6.19 8.55 12.14
CA GLU A 617 5.81 7.15 12.14
C GLU A 617 5.12 6.77 13.45
N ILE A 618 5.65 7.27 14.57
CA ILE A 618 5.04 6.99 15.87
C ILE A 618 3.65 7.62 15.95
N LEU A 619 3.56 8.91 15.62
CA LEU A 619 2.27 9.60 15.69
C LEU A 619 1.23 8.89 14.82
N HIS A 620 1.57 8.60 13.56
CA HIS A 620 0.62 7.91 12.68
C HIS A 620 0.29 6.52 13.19
N SER A 621 1.27 5.83 13.78
CA SER A 621 1.00 4.52 14.34
C SER A 621 0.03 4.62 15.51
N THR A 622 0.11 5.69 16.30
CA THR A 622 -0.83 5.88 17.39
C THR A 622 -2.23 6.19 16.86
N ILE A 623 -2.33 7.06 15.86
CA ILE A 623 -3.63 7.34 15.24
C ILE A 623 -4.25 6.06 14.72
N ARG A 624 -3.48 5.26 13.98
CA ARG A 624 -4.03 4.03 13.41
C ARG A 624 -4.56 3.11 14.49
N LYS A 625 -3.93 3.10 15.67
CA LYS A 625 -4.46 2.30 16.77
C LYS A 625 -5.81 2.83 17.23
N MET A 626 -5.91 4.14 17.45
CA MET A 626 -7.20 4.75 17.79
C MET A 626 -8.24 4.45 16.73
N ASN A 627 -7.93 4.72 15.46
CA ASN A 627 -8.90 4.52 14.39
C ASN A 627 -9.35 3.07 14.33
N LYS A 628 -8.41 2.12 14.43
CA LYS A 628 -8.77 0.71 14.43
C LYS A 628 -9.64 0.36 15.63
N HIS A 629 -9.39 0.99 16.78
CA HIS A 629 -10.19 0.75 17.97
C HIS A 629 -11.64 1.16 17.76
N VAL A 630 -11.86 2.32 17.13
CA VAL A 630 -13.22 2.79 16.92
C VAL A 630 -13.96 1.87 15.96
N LEU A 631 -13.28 1.41 14.91
CA LEU A 631 -13.91 0.54 13.93
C LEU A 631 -14.39 -0.77 14.57
N LYS A 632 -13.60 -1.33 15.48
CA LYS A 632 -13.97 -2.59 16.12
C LYS A 632 -15.28 -2.44 16.88
N ILE A 633 -15.39 -1.39 17.70
CA ILE A 633 -16.59 -1.20 18.51
C ILE A 633 -17.76 -0.72 17.67
N GLN A 634 -17.50 -0.07 16.54
CA GLN A 634 -18.59 0.28 15.63
C GLN A 634 -19.16 -0.95 14.93
N LYS A 635 -18.31 -1.95 14.65
CA LYS A 635 -18.81 -3.18 14.04
C LYS A 635 -19.68 -3.96 15.03
N GLU A 636 -19.31 -3.96 16.31
CA GLU A 636 -20.18 -4.55 17.31
C GLU A 636 -21.57 -3.92 17.28
N LEU A 637 -21.63 -2.59 17.34
CA LEU A 637 -22.92 -1.91 17.28
C LEU A 637 -23.61 -2.17 15.95
N GLU A 638 -22.85 -2.21 14.86
CA GLU A 638 -23.41 -2.50 13.54
C GLU A 638 -23.64 -3.99 13.32
N GLU A 639 -23.38 -4.83 14.31
CA GLU A 639 -23.82 -6.22 14.31
C GLU A 639 -25.06 -6.41 15.17
N ALA A 640 -25.04 -5.91 16.41
CA ALA A 640 -26.21 -6.00 17.27
C ALA A 640 -27.42 -5.32 16.63
N LYS A 641 -27.19 -4.24 15.89
CA LYS A 641 -28.28 -3.62 15.13
C LYS A 641 -28.80 -4.58 14.06
N GLU A 642 -27.91 -5.38 13.46
CA GLU A 642 -28.34 -6.36 12.47
C GLU A 642 -29.17 -7.46 13.12
N LYS A 643 -28.73 -7.96 14.28
CA LYS A 643 -29.46 -9.02 14.95
C LYS A 643 -30.87 -8.57 15.32
N LEU A 644 -31.00 -7.38 15.91
CA LEU A 644 -32.31 -6.87 16.27
C LEU A 644 -33.20 -6.76 15.04
N ALA A 645 -32.76 -6.00 14.03
CA ALA A 645 -33.60 -5.75 12.87
C ALA A 645 -33.83 -7.02 12.06
N ARG A 646 -32.80 -7.84 11.88
CA ARG A 646 -32.94 -9.06 11.08
C ARG A 646 -33.78 -10.10 11.81
N GLN A 647 -33.51 -10.31 13.10
CA GLN A 647 -34.26 -11.31 13.85
C GLN A 647 -35.70 -10.86 14.09
N HIS A 648 -35.89 -9.61 14.51
CA HIS A 648 -37.22 -9.08 14.78
C HIS A 648 -37.80 -8.42 13.53
N GLY A 664 -36.28 -5.38 22.82
CA GLY A 664 -36.40 -5.70 24.24
C GLY A 664 -35.06 -5.75 24.96
N VAL A 665 -34.65 -6.95 25.37
CA VAL A 665 -33.36 -7.11 26.02
C VAL A 665 -32.21 -6.80 25.08
N LEU A 666 -32.37 -7.09 23.79
CA LEU A 666 -31.35 -6.73 22.81
C LEU A 666 -31.22 -5.21 22.70
N GLU A 667 -32.34 -4.50 22.68
CA GLU A 667 -32.30 -3.04 22.63
C GLU A 667 -31.57 -2.46 23.83
N GLU A 668 -31.59 -3.17 24.98
CA GLU A 668 -30.84 -2.71 26.14
C GLU A 668 -29.34 -2.90 25.93
N GLN A 669 -28.94 -3.97 25.24
CA GLN A 669 -27.53 -4.16 24.90
C GLN A 669 -27.07 -3.13 23.87
N ILE A 670 -27.95 -2.77 22.93
CA ILE A 670 -27.61 -1.72 21.97
C ILE A 670 -27.33 -0.41 22.68
N GLU A 671 -28.12 -0.10 23.72
CA GLU A 671 -27.93 1.15 24.44
C GLU A 671 -26.56 1.23 25.09
N ARG A 672 -25.99 0.09 25.47
CA ARG A 672 -24.68 0.10 26.09
C ARG A 672 -23.56 0.12 25.06
N LEU A 673 -23.79 -0.45 23.87
CA LEU A 673 -22.82 -0.34 22.79
C LEU A 673 -22.72 1.11 22.32
N GLN A 674 -23.86 1.75 22.07
CA GLN A 674 -23.84 3.13 21.61
C GLN A 674 -23.11 4.04 22.59
N GLU A 675 -23.23 3.76 23.89
CA GLU A 675 -22.54 4.59 24.87
C GLU A 675 -21.03 4.45 24.75
N LYS A 676 -20.54 3.24 24.48
CA LYS A 676 -19.11 3.05 24.31
C LYS A 676 -18.65 3.24 22.87
N VAL A 677 -19.57 3.46 21.93
CA VAL A 677 -19.19 4.01 20.63
C VAL A 677 -18.95 5.50 20.73
N GLU A 678 -19.79 6.21 21.51
CA GLU A 678 -19.62 7.65 21.68
C GLU A 678 -18.35 7.95 22.47
N SER A 679 -18.05 7.16 23.49
CA SER A 679 -16.88 7.44 24.32
C SER A 679 -15.58 7.20 23.56
N ALA A 680 -15.56 6.21 22.67
CA ALA A 680 -14.38 5.99 21.84
C ALA A 680 -14.30 7.02 20.72
N GLN A 681 -15.44 7.50 20.23
CA GLN A 681 -15.42 8.50 19.16
C GLN A 681 -14.97 9.86 19.68
N SER A 682 -15.25 10.17 20.94
CA SER A 682 -14.83 11.45 21.50
C SER A 682 -13.34 11.47 21.82
N GLU A 683 -12.78 10.34 22.23
CA GLU A 683 -11.34 10.28 22.41
C GLU A 683 -10.61 10.37 21.07
N GLN A 684 -11.20 9.78 20.02
CA GLN A 684 -10.68 9.98 18.68
C GLN A 684 -10.66 11.46 18.32
N LYS A 685 -11.80 12.14 18.46
CA LYS A 685 -11.86 13.56 18.12
C LYS A 685 -10.86 14.37 18.93
N ASN A 686 -10.69 14.04 20.21
CA ASN A 686 -9.76 14.80 21.04
C ASN A 686 -8.33 14.60 20.58
N LEU A 687 -7.98 13.40 20.11
CA LEU A 687 -6.63 13.15 19.61
C LEU A 687 -6.31 14.05 18.42
N PHE A 688 -7.27 14.24 17.51
CA PHE A 688 -7.02 15.10 16.36
C PHE A 688 -7.01 16.57 16.76
N LEU A 689 -7.89 16.97 17.68
CA LEU A 689 -7.93 18.36 18.10
C LEU A 689 -6.65 18.76 18.84
N VAL A 690 -6.09 17.85 19.65
CA VAL A 690 -4.79 18.12 20.26
C VAL A 690 -3.74 18.34 19.17
N ILE A 691 -3.67 17.44 18.20
CA ILE A 691 -2.65 17.54 17.16
C ILE A 691 -2.79 18.87 16.42
N PHE A 692 -4.00 19.22 16.01
CA PHE A 692 -4.19 20.46 15.27
C PHE A 692 -3.89 21.67 16.13
N GLN A 693 -4.23 21.61 17.42
CA GLN A 693 -3.90 22.71 18.33
C GLN A 693 -2.40 22.92 18.41
N ARG A 694 -1.66 21.87 18.78
CA ARG A 694 -0.23 22.00 18.90
C ARG A 694 0.42 22.37 17.58
N PHE A 695 -0.11 21.86 16.46
CA PHE A 695 0.40 22.24 15.15
C PHE A 695 0.21 23.73 14.92
N ILE A 696 -1.01 24.23 15.17
CA ILE A 696 -1.29 25.66 14.96
C ILE A 696 -0.43 26.52 15.87
N MET A 697 -0.10 26.01 17.06
CA MET A 697 0.66 26.81 18.01
C MET A 697 2.12 26.93 17.59
N ILE A 698 2.76 25.82 17.24
CA ILE A 698 4.18 25.87 16.89
C ILE A 698 4.37 26.58 15.55
N LEU A 699 3.36 26.58 14.70
CA LEU A 699 3.49 27.24 13.41
C LEU A 699 3.34 28.75 13.55
N THR A 700 2.33 29.21 14.30
CA THR A 700 2.13 30.64 14.45
C THR A 700 3.31 31.28 15.18
N GLU A 701 3.76 30.67 16.29
CA GLU A 701 4.86 31.26 17.03
C GLU A 701 6.15 31.27 16.23
N HIS A 702 6.27 30.40 15.22
CA HIS A 702 7.36 30.52 14.27
C HIS A 702 7.09 31.65 13.28
N LEU A 703 5.83 31.95 12.99
CA LEU A 703 5.50 33.04 12.07
C LEU A 703 5.68 34.41 12.72
N VAL A 704 5.50 34.51 14.04
CA VAL A 704 5.77 35.77 14.71
C VAL A 704 7.27 35.95 14.89
N ARG A 705 7.98 34.87 15.24
CA ARG A 705 9.43 34.95 15.38
C ARG A 705 10.09 35.39 14.08
N CYS A 706 9.49 35.06 12.94
CA CYS A 706 10.01 35.52 11.65
C CYS A 706 9.58 36.95 11.36
N GLU A 707 8.39 37.36 11.79
CA GLU A 707 7.95 38.72 11.56
C GLU A 707 8.77 39.72 12.38
N THR A 708 9.09 39.38 13.62
CA THR A 708 9.88 40.26 14.46
C THR A 708 11.31 40.38 13.95
N ASP A 709 11.99 39.24 13.80
CA ASP A 709 13.37 39.25 13.33
C ASP A 709 13.51 39.85 11.95
N GLY A 710 12.40 40.01 11.23
CA GLY A 710 12.42 40.64 9.92
C GLY A 710 13.09 39.79 8.87
N THR A 711 12.68 38.52 8.75
CA THR A 711 13.31 37.57 7.85
C THR A 711 12.23 36.76 7.15
N SER A 712 12.67 36.01 6.12
CA SER A 712 11.74 35.23 5.31
C SER A 712 11.03 34.18 6.15
N VAL A 713 9.84 33.80 5.71
CA VAL A 713 9.00 32.88 6.46
C VAL A 713 9.36 31.43 6.18
N LEU A 714 9.92 31.14 4.99
CA LEU A 714 10.11 29.77 4.53
C LEU A 714 11.44 29.23 5.02
N THR A 715 11.42 28.67 6.19
CA THR A 715 12.55 27.93 6.71
C THR A 715 12.45 26.47 6.28
N PRO A 716 13.57 25.77 6.06
CA PRO A 716 13.45 24.32 5.83
C PRO A 716 12.64 23.63 6.91
N TRP A 717 12.88 23.99 8.18
CA TRP A 717 12.04 23.50 9.26
C TRP A 717 10.58 23.79 8.99
N TYR A 718 10.27 25.00 8.53
CA TYR A 718 8.89 25.37 8.28
C TYR A 718 8.27 24.50 7.20
N LYS A 719 9.02 24.20 6.14
CA LYS A 719 8.50 23.37 5.06
C LYS A 719 8.07 22.01 5.58
N ASN A 720 8.91 21.37 6.39
CA ASN A 720 8.56 20.06 6.92
C ASN A 720 7.35 20.14 7.82
N CYS A 721 7.34 21.09 8.75
CA CYS A 721 6.22 21.22 9.68
C CYS A 721 4.90 21.39 8.94
N ILE A 722 4.82 22.38 8.05
CA ILE A 722 3.57 22.63 7.34
C ILE A 722 3.17 21.43 6.50
N GLU A 723 4.14 20.67 5.98
CA GLU A 723 3.80 19.50 5.18
C GLU A 723 3.38 18.32 6.03
N ARG A 724 3.91 18.23 7.26
CA ARG A 724 3.43 17.19 8.18
C ARG A 724 2.01 17.47 8.63
N LEU A 725 1.62 18.74 8.74
CA LEU A 725 0.24 19.08 8.99
C LEU A 725 -0.65 18.58 7.85
N GLN A 726 -0.26 18.90 6.62
CA GLN A 726 -1.00 18.43 5.45
C GLN A 726 -1.07 16.90 5.40
N GLN A 727 -0.04 16.22 5.89
CA GLN A 727 -0.06 14.76 5.91
C GLN A 727 -1.14 14.24 6.82
N ILE A 728 -1.38 14.89 7.96
CA ILE A 728 -2.46 14.48 8.86
C ILE A 728 -3.80 14.54 8.13
N PHE A 729 -4.10 15.68 7.51
CA PHE A 729 -5.35 15.85 6.78
C PHE A 729 -5.49 14.80 5.67
N LEU A 730 -4.37 14.50 5.00
CA LEU A 730 -4.40 13.64 3.81
C LEU A 730 -4.55 12.17 4.19
N GLN A 731 -3.79 11.71 5.20
CA GLN A 731 -3.84 10.31 5.58
C GLN A 731 -5.22 9.91 6.11
N HIS A 732 -5.81 10.76 6.96
CA HIS A 732 -7.03 10.41 7.68
C HIS A 732 -8.18 11.34 7.29
N HIS A 733 -8.24 11.73 6.01
CA HIS A 733 -9.26 12.67 5.57
C HIS A 733 -10.67 12.16 5.82
N GLN A 734 -10.86 10.84 5.79
CA GLN A 734 -12.20 10.28 5.94
C GLN A 734 -12.71 10.43 7.37
N ILE A 735 -11.82 10.36 8.36
CA ILE A 735 -12.22 10.55 9.75
C ILE A 735 -12.38 12.04 10.06
N ILE A 736 -11.43 12.86 9.62
CA ILE A 736 -11.45 14.29 9.91
C ILE A 736 -12.67 14.97 9.31
N GLN A 737 -13.28 14.37 8.28
CA GLN A 737 -14.49 14.94 7.69
C GLN A 737 -15.58 15.14 8.72
N GLN A 738 -15.59 14.34 9.80
CA GLN A 738 -16.61 14.46 10.83
C GLN A 738 -16.44 15.71 11.69
N TYR A 739 -15.26 16.34 11.66
CA TYR A 739 -14.94 17.44 12.54
C TYR A 739 -14.98 18.79 11.82
N MET A 740 -15.69 18.86 10.69
CA MET A 740 -15.68 20.05 9.85
C MET A 740 -16.01 21.32 10.63
N VAL A 741 -17.18 21.34 11.28
CA VAL A 741 -17.65 22.57 11.90
C VAL A 741 -16.75 22.96 13.06
N THR A 742 -16.32 21.98 13.85
CA THR A 742 -15.36 22.27 14.92
C THR A 742 -14.08 22.86 14.34
N LEU A 743 -13.53 22.22 13.30
CA LEU A 743 -12.27 22.69 12.71
C LEU A 743 -12.42 24.08 12.13
N GLU A 744 -13.50 24.31 11.38
CA GLU A 744 -13.67 25.59 10.72
C GLU A 744 -13.96 26.70 11.72
N ASN A 745 -14.78 26.41 12.73
CA ASN A 745 -15.28 27.46 13.62
C ASN A 745 -14.38 27.69 14.83
N LEU A 746 -13.68 26.67 15.33
CA LEU A 746 -12.91 26.79 16.55
C LEU A 746 -11.40 26.82 16.35
N LEU A 747 -10.88 26.31 15.23
CA LEU A 747 -9.44 26.14 15.06
C LEU A 747 -8.88 26.89 13.85
N PHE A 748 -9.37 26.61 12.64
CA PHE A 748 -8.82 27.20 11.42
C PHE A 748 -9.73 28.35 11.00
N THR A 749 -9.42 29.54 11.51
CA THR A 749 -10.30 30.69 11.42
C THR A 749 -9.58 31.85 10.74
N ALA A 750 -10.34 32.92 10.49
CA ALA A 750 -9.77 34.09 9.81
C ALA A 750 -8.53 34.61 10.54
N GLU A 751 -8.49 34.49 11.87
CA GLU A 751 -7.41 35.07 12.64
C GLU A 751 -6.06 34.42 12.35
N LEU A 752 -6.05 33.20 11.83
CA LEU A 752 -4.78 32.51 11.62
C LEU A 752 -4.08 33.02 10.37
N ASP A 753 -2.76 32.80 10.35
CA ASP A 753 -1.95 33.29 9.26
C ASP A 753 -2.38 32.63 7.95
N PRO A 754 -2.39 33.37 6.84
CA PRO A 754 -2.84 32.77 5.57
C PRO A 754 -2.09 31.51 5.19
N HIS A 755 -0.86 31.35 5.64
CA HIS A 755 -0.09 30.14 5.31
C HIS A 755 -0.70 28.90 5.95
N ILE A 756 -1.24 29.04 7.16
CA ILE A 756 -1.84 27.90 7.84
C ILE A 756 -3.21 27.58 7.24
N LEU A 757 -3.99 28.62 6.95
CA LEU A 757 -5.32 28.41 6.38
C LEU A 757 -5.25 27.77 5.01
N ALA A 758 -4.18 28.05 4.25
CA ALA A 758 -4.05 27.47 2.92
C ALA A 758 -4.18 25.96 2.97
N VAL A 759 -3.55 25.32 3.96
CA VAL A 759 -3.60 23.86 4.06
C VAL A 759 -5.02 23.41 4.37
N PHE A 760 -5.68 24.07 5.32
CA PHE A 760 -7.02 23.64 5.71
C PHE A 760 -8.01 23.81 4.56
N GLN A 761 -7.86 24.86 3.76
CA GLN A 761 -8.77 25.08 2.64
C GLN A 761 -8.53 24.07 1.52
N GLN A 762 -7.30 23.59 1.34
CA GLN A 762 -7.08 22.48 0.42
C GLN A 762 -7.85 21.24 0.88
N PHE A 763 -7.79 20.95 2.17
CA PHE A 763 -8.50 19.79 2.70
C PHE A 763 -10.00 19.95 2.57
N CYS A 764 -10.52 21.17 2.73
CA CYS A 764 -11.95 21.38 2.54
C CYS A 764 -12.33 21.20 1.09
N ALA A 765 -11.47 21.63 0.17
CA ALA A 765 -11.74 21.43 -1.25
C ALA A 765 -11.81 19.95 -1.58
N LEU A 766 -10.91 19.16 -1.00
CA LEU A 766 -10.92 17.72 -1.25
C LEU A 766 -12.24 17.10 -0.81
N GLN A 767 -12.55 17.20 0.49
CA GLN A 767 -13.78 16.60 0.99
C GLN A 767 -15.01 17.20 0.33
N ALA A 768 -14.92 18.45 -0.14
CA ALA A 768 -16.04 19.06 -0.85
C ALA A 768 -16.29 18.37 -2.19
N ALA A 769 -15.24 17.89 -2.85
CA ALA A 769 -15.41 17.24 -4.15
C ALA A 769 -16.25 15.98 -4.05
N GLU A 770 -16.28 15.34 -2.88
CA GLU A 770 -17.04 14.11 -2.68
C GLU A 770 -18.21 14.28 -1.72
N ASN A 771 -18.47 15.48 -1.22
CA ASN A 771 -19.58 15.69 -0.30
C ASN A 771 -19.98 17.16 -0.33
N LEU A 772 -21.29 17.40 -0.41
CA LEU A 772 -21.82 18.77 -0.36
C LEU A 772 -21.89 19.26 1.09
N LEU B 26 -12.14 -16.63 -11.60
CA LEU B 26 -11.15 -17.45 -12.31
C LEU B 26 -10.11 -17.99 -11.34
N LYS B 27 -9.69 -19.24 -11.56
CA LYS B 27 -8.74 -19.88 -10.66
C LYS B 27 -7.43 -19.12 -10.60
N ALA B 28 -6.99 -18.56 -11.72
CA ALA B 28 -5.69 -17.90 -11.77
C ALA B 28 -5.67 -16.65 -10.89
N LEU B 29 -6.74 -15.86 -10.90
CA LEU B 29 -6.75 -14.60 -10.16
C LEU B 29 -6.87 -14.81 -8.66
N ARG B 30 -7.57 -15.85 -8.24
CA ARG B 30 -7.70 -16.16 -6.82
C ARG B 30 -6.47 -16.88 -6.26
N SER B 31 -5.46 -17.12 -7.08
CA SER B 31 -4.34 -17.98 -6.70
C SER B 31 -3.39 -17.27 -5.74
N ASP B 32 -3.07 -17.94 -4.64
CA ASP B 32 -2.11 -17.47 -3.64
C ASP B 32 -1.12 -18.59 -3.39
N SER B 33 -0.08 -18.67 -4.23
CA SER B 33 0.86 -19.77 -4.15
C SER B 33 1.93 -19.58 -3.09
N TYR B 34 2.09 -18.37 -2.55
CA TYR B 34 3.02 -18.14 -1.46
C TYR B 34 2.37 -18.39 -0.10
N VAL B 35 1.03 -18.37 -0.04
CA VAL B 35 0.32 -18.56 1.22
C VAL B 35 -0.02 -20.03 1.47
N GLU B 36 0.04 -20.88 0.45
CA GLU B 36 -0.26 -22.29 0.66
C GLU B 36 0.76 -22.93 1.59
N LEU B 37 0.34 -24.02 2.23
CA LEU B 37 1.17 -24.70 3.21
C LEU B 37 2.32 -25.43 2.52
N SER B 38 3.41 -25.60 3.25
CA SER B 38 4.55 -26.37 2.76
C SER B 38 4.41 -27.82 3.18
N GLN B 39 5.35 -28.65 2.74
CA GLN B 39 5.34 -30.06 3.09
C GLN B 39 5.78 -30.32 4.53
N TYR B 40 6.37 -29.32 5.19
CA TYR B 40 6.86 -29.53 6.55
C TYR B 40 5.72 -29.73 7.53
N ARG B 41 5.88 -30.70 8.43
CA ARG B 41 4.96 -30.92 9.52
C ARG B 41 5.77 -31.18 10.79
N ASP B 42 5.33 -30.60 11.90
CA ASP B 42 6.03 -30.76 13.18
C ASP B 42 5.67 -32.10 13.78
N GLN B 43 6.69 -32.95 13.99
CA GLN B 43 6.47 -34.29 14.53
C GLN B 43 6.20 -34.26 16.04
N HIS B 44 6.82 -33.32 16.77
CA HIS B 44 6.54 -33.18 18.18
C HIS B 44 5.17 -32.59 18.45
N PHE B 45 4.48 -32.11 17.41
CA PHE B 45 3.14 -31.56 17.59
C PHE B 45 2.20 -32.61 18.18
N ARG B 46 1.36 -32.17 19.11
CA ARG B 46 0.43 -33.05 19.81
C ARG B 46 -0.88 -33.10 19.03
N GLY B 47 -1.09 -34.18 18.29
CA GLY B 47 -2.28 -34.35 17.50
C GLY B 47 -1.96 -35.08 16.21
N ASP B 48 -2.96 -35.17 15.34
CA ASP B 48 -2.78 -35.79 14.04
C ASP B 48 -2.57 -34.71 12.98
N ASN B 49 -2.44 -35.13 11.73
CA ASN B 49 -2.16 -34.19 10.66
C ASN B 49 -3.34 -33.26 10.40
N GLU B 50 -4.55 -33.78 10.53
CA GLU B 50 -5.73 -33.00 10.15
C GLU B 50 -5.87 -31.75 11.01
N GLU B 51 -5.71 -31.89 12.32
CA GLU B 51 -5.87 -30.73 13.21
C GLU B 51 -4.64 -29.83 13.22
N GLN B 52 -3.47 -30.34 12.84
CA GLN B 52 -2.32 -29.46 12.66
C GLN B 52 -2.49 -28.58 11.42
N GLU B 53 -2.96 -29.16 10.32
CA GLU B 53 -3.24 -28.38 9.13
C GLU B 53 -4.32 -27.34 9.41
N LYS B 54 -5.31 -27.68 10.23
CA LYS B 54 -6.32 -26.71 10.64
C LYS B 54 -5.67 -25.53 11.35
N LEU B 55 -4.76 -25.81 12.30
CA LEU B 55 -4.08 -24.74 13.02
C LEU B 55 -3.23 -23.90 12.09
N LEU B 56 -2.61 -24.53 11.09
CA LEU B 56 -1.75 -23.78 10.16
C LEU B 56 -2.55 -22.75 9.37
N LYS B 57 -3.75 -23.12 8.93
CA LYS B 57 -4.54 -22.25 8.07
C LYS B 57 -5.20 -21.09 8.80
N LYS B 58 -5.25 -21.13 10.14
CA LYS B 58 -5.71 -19.99 10.92
C LYS B 58 -4.62 -19.43 11.81
N SER B 59 -3.36 -19.77 11.55
CA SER B 59 -2.25 -19.31 12.37
C SER B 59 -1.80 -17.92 11.94
N CYS B 60 -1.46 -17.08 12.92
CA CYS B 60 -0.82 -15.81 12.66
C CYS B 60 0.69 -15.87 12.88
N THR B 61 1.23 -17.03 13.21
CA THR B 61 2.65 -17.17 13.52
C THR B 61 3.38 -17.77 12.33
N LEU B 62 4.56 -17.22 12.03
CA LEU B 62 5.41 -17.69 10.95
C LEU B 62 6.71 -18.22 11.51
N TYR B 63 7.20 -19.31 10.93
CA TYR B 63 8.55 -19.78 11.16
C TYR B 63 9.48 -19.10 10.16
N VAL B 64 10.60 -18.56 10.65
CA VAL B 64 11.57 -17.87 9.82
C VAL B 64 12.87 -18.67 9.89
N GLY B 65 13.35 -19.13 8.73
CA GLY B 65 14.51 -19.99 8.66
C GLY B 65 15.66 -19.37 7.90
N ASN B 66 16.83 -19.98 8.06
CA ASN B 66 18.05 -19.60 7.34
C ASN B 66 18.59 -18.24 7.80
N LEU B 67 18.44 -17.94 9.09
CA LEU B 67 18.96 -16.70 9.63
C LEU B 67 20.43 -16.84 9.98
N SER B 68 21.16 -15.73 9.87
CA SER B 68 22.50 -15.67 10.41
C SER B 68 22.47 -15.79 11.91
N PHE B 69 23.45 -16.49 12.48
CA PHE B 69 23.55 -16.60 13.93
C PHE B 69 23.68 -15.24 14.59
N TYR B 70 24.08 -14.22 13.84
CA TYR B 70 24.28 -12.88 14.39
C TYR B 70 23.08 -11.96 14.16
N THR B 71 22.04 -12.43 13.49
CA THR B 71 20.85 -11.62 13.25
C THR B 71 20.12 -11.38 14.56
N THR B 72 19.77 -10.13 14.82
CA THR B 72 19.20 -9.72 16.10
C THR B 72 17.68 -9.57 16.01
N GLU B 73 17.05 -9.56 17.18
CA GLU B 73 15.60 -9.34 17.22
C GLU B 73 15.22 -8.00 16.62
N GLU B 74 16.10 -7.01 16.71
CA GLU B 74 15.81 -5.68 16.17
C GLU B 74 15.66 -5.74 14.65
N GLN B 75 16.61 -6.40 13.98
CA GLN B 75 16.57 -6.47 12.52
C GLN B 75 15.30 -7.18 12.05
N ILE B 76 14.88 -8.23 12.75
CA ILE B 76 13.69 -8.97 12.35
C ILE B 76 12.44 -8.11 12.53
N TYR B 77 12.40 -7.32 13.61
CA TYR B 77 11.29 -6.39 13.81
C TYR B 77 11.19 -5.40 12.65
N GLU B 78 12.32 -4.82 12.24
CA GLU B 78 12.28 -3.79 11.21
C GLU B 78 11.82 -4.36 9.87
N LEU B 79 12.25 -5.57 9.54
CA LEU B 79 11.87 -6.16 8.27
C LEU B 79 10.42 -6.62 8.29
N PHE B 80 10.05 -7.40 9.30
CA PHE B 80 8.74 -8.04 9.32
C PHE B 80 7.62 -7.07 9.65
N SER B 81 7.93 -5.92 10.23
CA SER B 81 6.91 -4.90 10.45
C SER B 81 6.35 -4.35 9.13
N LYS B 82 7.11 -4.45 8.04
CA LYS B 82 6.67 -3.88 6.77
C LYS B 82 5.39 -4.52 6.23
N SER B 83 4.95 -5.65 6.80
CA SER B 83 3.70 -6.28 6.39
C SER B 83 2.62 -6.21 7.47
N GLY B 84 2.90 -5.61 8.61
CA GLY B 84 1.90 -5.47 9.65
C GLY B 84 2.55 -5.38 11.01
N ASP B 85 1.68 -5.23 12.02
CA ASP B 85 2.13 -5.07 13.39
C ASP B 85 2.50 -6.43 13.99
N ILE B 86 3.64 -6.48 14.67
CA ILE B 86 4.18 -7.71 15.21
C ILE B 86 3.81 -7.80 16.68
N LYS B 87 3.19 -8.93 17.05
CA LYS B 87 2.77 -9.15 18.43
C LYS B 87 3.94 -9.63 19.30
N LYS B 88 4.70 -10.61 18.80
CA LYS B 88 5.83 -11.13 19.55
C LYS B 88 6.82 -11.80 18.60
N ILE B 89 8.09 -11.80 18.99
CA ILE B 89 9.15 -12.48 18.26
C ILE B 89 9.92 -13.35 19.24
N ILE B 90 10.15 -14.60 18.84
CA ILE B 90 10.82 -15.59 19.69
C ILE B 90 12.03 -16.08 18.92
N MET B 91 13.22 -15.72 19.39
CA MET B 91 14.46 -16.13 18.76
C MET B 91 14.76 -17.59 19.08
N GLY B 92 15.09 -18.37 18.06
CA GLY B 92 15.45 -19.77 18.26
C GLY B 92 16.86 -19.90 18.82
N LEU B 93 17.02 -20.81 19.77
CA LEU B 93 18.26 -20.96 20.51
C LEU B 93 18.78 -22.38 20.43
N ASP B 94 20.06 -22.55 20.75
CA ASP B 94 20.66 -23.86 20.88
C ASP B 94 20.37 -24.41 22.27
N LYS B 95 19.88 -25.65 22.34
CA LYS B 95 19.38 -26.16 23.61
C LYS B 95 20.46 -26.21 24.68
N MET B 96 21.72 -26.39 24.28
CA MET B 96 22.83 -26.47 25.25
C MET B 96 23.46 -25.11 25.46
N LYS B 97 24.12 -24.59 24.41
CA LYS B 97 24.80 -23.29 24.53
C LYS B 97 23.81 -22.16 24.80
N LYS B 98 22.55 -22.32 24.38
CA LYS B 98 21.52 -21.30 24.57
C LYS B 98 21.91 -20.00 23.87
N THR B 99 22.32 -20.14 22.61
CA THR B 99 22.73 -19.02 21.77
C THR B 99 21.92 -19.05 20.47
N ALA B 100 21.96 -17.92 19.76
CA ALA B 100 21.21 -17.79 18.51
C ALA B 100 21.43 -18.99 17.61
N CYS B 101 20.32 -19.59 17.18
CA CYS B 101 20.34 -20.86 16.44
C CYS B 101 20.06 -20.70 14.96
N GLY B 102 19.83 -19.47 14.49
CA GLY B 102 19.59 -19.25 13.08
C GLY B 102 18.15 -19.40 12.64
N PHE B 103 17.19 -19.07 13.51
CA PHE B 103 15.78 -19.11 13.14
C PHE B 103 14.98 -18.48 14.27
N CYS B 104 13.74 -18.13 13.97
CA CYS B 104 12.86 -17.52 14.95
C CYS B 104 11.42 -17.70 14.51
N PHE B 105 10.50 -17.24 15.36
CA PHE B 105 9.08 -17.20 15.06
C PHE B 105 8.60 -15.77 15.14
N VAL B 106 7.62 -15.44 14.31
CA VAL B 106 7.02 -14.10 14.29
C VAL B 106 5.51 -14.26 14.37
N GLU B 107 4.92 -13.66 15.41
CA GLU B 107 3.48 -13.69 15.62
C GLU B 107 2.92 -12.31 15.30
N TYR B 108 2.01 -12.25 14.34
CA TYR B 108 1.31 -11.01 14.02
C TYR B 108 0.02 -10.93 14.85
N TYR B 109 -0.63 -9.77 14.78
CA TYR B 109 -1.92 -9.62 15.43
C TYR B 109 -3.04 -10.16 14.55
N SER B 110 -3.01 -9.86 13.26
CA SER B 110 -3.99 -10.36 12.31
C SER B 110 -3.31 -11.30 11.32
N ARG B 111 -4.12 -12.18 10.72
CA ARG B 111 -3.56 -13.15 9.79
C ARG B 111 -3.25 -12.53 8.44
N ALA B 112 -4.03 -11.52 8.02
CA ALA B 112 -3.75 -10.86 6.75
C ALA B 112 -2.32 -10.34 6.72
N ASP B 113 -1.83 -9.85 7.85
CA ASP B 113 -0.46 -9.35 7.91
C ASP B 113 0.54 -10.48 7.74
N ALA B 114 0.32 -11.61 8.40
CA ALA B 114 1.19 -12.76 8.21
C ALA B 114 1.13 -13.26 6.78
N GLU B 115 -0.06 -13.24 6.18
CA GLU B 115 -0.17 -13.64 4.78
C GLU B 115 0.67 -12.76 3.87
N ASN B 116 0.69 -11.45 4.15
CA ASN B 116 1.47 -10.53 3.33
C ASN B 116 2.97 -10.73 3.55
N ALA B 117 3.38 -11.02 4.79
CA ALA B 117 4.77 -11.38 5.02
C ALA B 117 5.13 -12.64 4.28
N MET B 118 4.16 -13.54 4.13
CA MET B 118 4.36 -14.79 3.40
C MET B 118 4.58 -14.53 1.91
N ARG B 119 3.89 -13.54 1.34
CA ARG B 119 3.96 -13.29 -0.09
C ARG B 119 5.19 -12.46 -0.47
N TYR B 120 5.52 -11.45 0.32
CA TYR B 120 6.46 -10.42 -0.09
C TYR B 120 7.77 -10.43 0.69
N ILE B 121 7.78 -10.92 1.92
CA ILE B 121 9.02 -10.96 2.69
C ILE B 121 9.72 -12.31 2.51
N ASN B 122 8.97 -13.39 2.46
CA ASN B 122 9.54 -14.69 2.12
C ASN B 122 10.46 -14.56 0.92
N GLY B 123 11.57 -15.29 0.94
CA GLY B 123 12.47 -15.32 -0.20
C GLY B 123 13.27 -14.05 -0.45
N THR B 124 13.29 -13.11 0.49
CA THR B 124 14.11 -11.91 0.38
C THR B 124 15.20 -11.96 1.44
N ARG B 125 16.03 -10.93 1.46
CA ARG B 125 17.28 -10.97 2.20
C ARG B 125 17.17 -10.30 3.56
N LEU B 126 17.89 -10.87 4.53
CA LEU B 126 18.07 -10.32 5.87
C LEU B 126 19.48 -10.65 6.29
N ASP B 127 20.27 -9.63 6.64
CA ASP B 127 21.71 -9.81 6.86
C ASP B 127 22.37 -10.43 5.63
N ASP B 128 21.79 -10.21 4.46
CA ASP B 128 22.32 -10.69 3.19
C ASP B 128 22.18 -12.21 3.04
N ARG B 129 21.16 -12.80 3.68
CA ARG B 129 20.82 -14.21 3.51
C ARG B 129 19.37 -14.33 3.10
N ILE B 130 19.09 -15.17 2.10
CA ILE B 130 17.71 -15.44 1.70
C ILE B 130 17.03 -16.20 2.82
N ILE B 131 15.99 -15.60 3.39
CA ILE B 131 15.25 -16.22 4.47
C ILE B 131 14.01 -16.90 3.90
N ARG B 132 13.58 -17.97 4.57
CA ARG B 132 12.42 -18.77 4.18
C ARG B 132 11.41 -18.73 5.30
N THR B 133 10.18 -18.32 4.98
CA THR B 133 9.10 -18.29 5.94
C THR B 133 8.15 -19.45 5.68
N ASP B 134 7.63 -20.03 6.75
CA ASP B 134 6.65 -21.10 6.69
C ASP B 134 5.58 -20.86 7.74
N TRP B 135 4.35 -21.26 7.44
CA TRP B 135 3.30 -21.22 8.44
C TRP B 135 3.66 -22.14 9.60
N ASP B 136 3.27 -21.75 10.80
CA ASP B 136 3.52 -22.53 12.00
C ASP B 136 2.21 -22.75 12.74
N ALA B 137 2.13 -23.90 13.42
CA ALA B 137 0.93 -24.27 14.16
C ALA B 137 0.67 -23.36 15.35
N GLY B 138 1.62 -22.50 15.69
CA GLY B 138 1.57 -21.69 16.89
C GLY B 138 2.67 -22.07 17.85
N PHE B 139 3.07 -21.11 18.67
CA PHE B 139 4.20 -21.32 19.56
C PHE B 139 3.74 -22.01 20.85
N LYS B 140 4.50 -23.02 21.26
CA LYS B 140 4.37 -23.64 22.56
C LYS B 140 5.77 -23.82 23.13
N GLU B 141 5.85 -23.92 24.46
CA GLU B 141 7.15 -24.00 25.11
C GLU B 141 7.96 -25.16 24.55
N GLY B 142 9.26 -24.92 24.35
CA GLY B 142 10.16 -25.94 23.83
C GLY B 142 10.45 -25.81 22.34
N ARG B 143 9.68 -25.00 21.61
CA ARG B 143 9.89 -24.83 20.18
C ARG B 143 11.08 -23.93 19.85
N GLN B 144 11.57 -23.15 20.82
CA GLN B 144 12.65 -22.21 20.55
C GLN B 144 14.01 -22.90 20.45
N TYR B 145 14.09 -24.19 20.77
CA TYR B 145 15.37 -24.89 20.82
C TYR B 145 15.56 -25.77 19.59
N GLY B 146 16.77 -25.79 19.08
CA GLY B 146 17.09 -26.65 17.96
C GLY B 146 17.05 -28.12 18.37
N ARG B 147 16.51 -28.94 17.48
CA ARG B 147 16.35 -30.37 17.73
C ARG B 147 17.52 -31.19 17.21
N GLY B 148 18.60 -30.54 16.78
CA GLY B 148 19.77 -31.26 16.36
C GLY B 148 20.48 -31.91 17.53
N ARG B 149 21.26 -32.94 17.21
CA ARG B 149 21.91 -33.73 18.23
C ARG B 149 22.97 -32.93 18.97
N SER B 150 23.59 -31.96 18.31
CA SER B 150 24.58 -31.11 18.95
C SER B 150 23.97 -29.93 19.70
N GLY B 151 22.65 -29.76 19.61
CA GLY B 151 21.96 -28.63 20.21
C GLY B 151 21.43 -27.63 19.21
N GLY B 152 22.02 -27.56 18.02
CA GLY B 152 21.53 -26.67 16.98
C GLY B 152 20.42 -27.31 16.18
N GLN B 153 20.09 -26.67 15.06
CA GLN B 153 19.06 -27.21 14.18
C GLN B 153 19.54 -28.50 13.52
N VAL B 154 18.58 -29.37 13.18
CA VAL B 154 18.91 -30.57 12.42
C VAL B 154 19.48 -30.18 11.07
N ARG B 155 19.02 -29.07 10.50
CA ARG B 155 19.49 -28.61 9.20
C ARG B 155 21.01 -28.50 9.17
N ASP B 156 21.62 -28.10 10.29
CA ASP B 156 23.04 -27.84 10.35
C ASP B 156 23.87 -29.06 10.72
N GLU B 157 23.23 -30.22 10.92
CA GLU B 157 23.97 -31.44 11.22
C GLU B 157 24.50 -32.10 9.95
N TYR B 158 23.70 -32.09 8.88
CA TYR B 158 24.06 -32.72 7.62
C TYR B 158 24.66 -31.74 6.62
N ARG B 159 24.92 -30.50 7.02
CA ARG B 159 25.48 -29.51 6.11
C ARG B 159 26.94 -29.82 5.81
N GLN B 160 27.32 -29.64 4.55
CA GLN B 160 28.69 -29.88 4.09
C GLN B 160 29.46 -28.60 3.83
N ASP B 161 28.87 -27.66 3.08
CA ASP B 161 29.56 -26.43 2.74
C ASP B 161 29.85 -25.60 4.00
N TYR B 162 30.88 -24.78 3.91
CA TYR B 162 31.25 -23.88 5.01
C TYR B 162 30.42 -22.61 4.91
N ASP B 163 29.89 -22.17 6.05
CA ASP B 163 29.04 -20.98 6.10
C ASP B 163 29.41 -20.17 7.34
N ALA B 164 29.77 -18.90 7.13
CA ALA B 164 30.25 -18.07 8.24
C ALA B 164 29.10 -17.65 9.16
N GLY B 165 27.96 -17.24 8.59
CA GLY B 165 26.82 -16.89 9.40
C GLY B 165 26.11 -18.07 10.04
N ARG B 166 26.41 -19.29 9.59
CA ARG B 166 25.77 -20.49 10.12
C ARG B 166 26.67 -21.27 11.06
N GLY B 167 27.84 -20.73 11.41
CA GLY B 167 28.69 -21.33 12.43
C GLY B 167 29.68 -22.35 11.92
N GLY B 168 30.27 -22.11 10.76
CA GLY B 168 31.32 -22.97 10.24
C GLY B 168 30.82 -24.21 9.50
N TYR B 169 31.54 -25.32 9.64
CA TYR B 169 31.17 -26.55 8.96
C TYR B 169 29.99 -27.21 9.66
N GLY B 170 29.54 -28.34 9.12
CA GLY B 170 28.39 -29.05 9.65
C GLY B 170 28.71 -30.44 10.14
N LYS B 171 29.70 -30.54 11.02
CA LYS B 171 30.08 -31.83 11.61
C LYS B 171 30.50 -32.83 10.53
N SER C 12 -7.09 -29.63 -11.31
CA SER C 12 -6.13 -28.65 -11.82
C SER C 12 -5.24 -29.26 -12.90
N LYS C 13 -5.64 -30.42 -13.41
CA LYS C 13 -4.89 -31.11 -14.45
C LYS C 13 -4.85 -30.28 -15.72
N IYR C 14 -5.98 -29.67 -16.06
CA IYR C 14 -6.08 -28.83 -17.24
CB IYR C 14 -7.51 -28.48 -17.70
CC IYR C 14 -8.24 -29.64 -18.29
CD IYR C 14 -7.77 -30.25 -19.45
CE IYR C 14 -8.44 -31.34 -20.02
IE IYR C 14 -7.67 -32.13 -21.71
CF IYR C 14 -9.61 -31.80 -19.40
OF IYR C 14 -10.37 -32.85 -19.85
CG IYR C 14 -10.10 -31.20 -18.23
CH IYR C 14 -9.41 -30.12 -17.68
C IYR C 14 -5.41 -27.49 -17.00
O IYR C 14 -4.78 -26.85 -17.85
HB2 IYR C 14 -7.47 -27.65 -18.45
HB3 IYR C 14 -8.08 -28.09 -16.81
HD IYR C 14 -6.86 -29.86 -19.92
HF IYR C 14 -11.03 -32.52 -20.48
HG IYR C 14 -11.01 -31.59 -17.75
HH IYR C 14 -9.79 -29.65 -16.76
N GLU C 15 -5.56 -27.02 -15.76
CA GLU C 15 -5.16 -25.67 -15.37
C GLU C 15 -3.67 -25.39 -15.59
N ALA C 16 -2.84 -26.43 -15.56
CA ALA C 16 -1.39 -26.28 -15.64
C ALA C 16 -0.85 -26.57 -17.03
N MET C 17 -1.70 -26.57 -18.05
CA MET C 17 -1.31 -26.92 -19.41
C MET C 17 -1.09 -25.67 -20.25
N ASP C 18 -0.47 -25.87 -21.41
CA ASP C 18 -0.25 -24.79 -22.36
C ASP C 18 -1.53 -24.56 -23.17
N PHE C 19 -1.66 -23.33 -23.69
CA PHE C 19 -2.85 -23.02 -24.48
C PHE C 19 -2.92 -23.88 -25.73
N ASP C 20 -1.82 -23.99 -26.48
CA ASP C 20 -1.83 -24.83 -27.66
C ASP C 20 -2.24 -26.25 -27.33
N SER C 21 -1.69 -26.79 -26.24
CA SER C 21 -2.06 -28.13 -25.84
C SER C 21 -3.57 -28.27 -25.68
N LEU C 22 -4.21 -27.27 -25.08
CA LEU C 22 -5.65 -27.34 -24.82
C LEU C 22 -6.46 -27.12 -26.10
N LEU C 23 -6.14 -26.08 -26.86
CA LEU C 23 -6.89 -25.80 -28.08
C LEU C 23 -6.80 -26.97 -29.05
N LYS C 24 -5.60 -27.49 -29.26
CA LYS C 24 -5.40 -28.59 -30.21
C LYS C 24 -5.99 -29.90 -29.69
N GLU C 25 -6.15 -30.05 -28.38
CA GLU C 25 -6.82 -31.23 -27.83
C GLU C 25 -8.32 -31.14 -27.99
N ALA C 26 -8.89 -29.94 -27.96
CA ALA C 26 -10.34 -29.78 -27.99
C ALA C 26 -10.89 -30.07 -29.38
N GLN C 27 -10.26 -29.51 -30.41
CA GLN C 27 -10.80 -29.61 -31.77
C GLN C 27 -10.49 -30.94 -32.44
N GLN C 28 -9.44 -31.64 -32.01
CA GLN C 28 -9.15 -32.96 -32.56
C GLN C 28 -10.03 -34.03 -31.90
N SER C 29 -10.07 -34.04 -30.57
CA SER C 29 -10.85 -35.03 -29.84
C SER C 29 -12.33 -34.89 -30.12
N LEU C 30 -12.93 -33.80 -29.65
CA LEU C 30 -14.36 -33.55 -29.86
C LEU C 30 -14.74 -32.16 -29.38
MG MG D . -17.64 18.97 14.72
N2 GTA E . 6.38 -24.16 10.87
O6 GTA E . 9.90 -25.70 7.96
C6 GTA E . 9.51 -25.46 9.10
C5 GTA E . 10.41 -25.71 10.29
N7 GTA E . 11.69 -26.18 10.38
C7 GTA E . 12.64 -26.61 9.40
C8 GTA E . 12.03 -26.20 11.70
N9 GTA E . 10.96 -25.75 12.41
C4 GTA E . 9.96 -25.44 11.55
N3 GTA E . 8.61 -24.92 11.76
C2 GTA E . 7.74 -24.68 10.63
N1 GTA E . 8.19 -24.96 9.31
O3A GTA E . 10.30 -25.87 16.58
C1A GTA E . 10.88 -25.60 13.80
C2A GTA E . 10.66 -26.76 14.40
C3A GTA E . 11.21 -26.50 15.82
C4A GTA E . 12.46 -25.56 15.56
C5A GTA E . 13.74 -26.40 15.60
O4A GTA E . 12.29 -25.04 14.38
O2A GTA E . 9.23 -27.08 14.45
P1 GTA E . 14.77 -28.11 13.94
O11 GTA E . 15.00 -27.24 12.73
O12 GTA E . 16.02 -28.08 14.79
O13 GTA E . 14.45 -29.62 13.50
O15 GTA E . 13.56 -27.55 14.82
P2 GTA E . 13.12 -30.11 12.71
O22 GTA E . 12.76 -29.13 11.63
O21 GTA E . 11.96 -30.23 13.69
O23 GTA E . 13.39 -31.54 12.07
P3 GTA E . 13.39 -31.87 10.49
O32 GTA E . 12.02 -31.52 9.89
O31 GTA E . 13.64 -33.37 10.31
O33 GTA E . 14.54 -31.04 9.72
C5B GTA E . 14.72 -31.32 8.34
C4B GTA E . 16.18 -31.06 7.90
O4B GTA E . 17.02 -31.93 8.45
C3B GTA E . 16.32 -31.29 6.43
O3B GTA E . 15.92 -30.20 5.71
C2B GTA E . 17.85 -31.52 6.29
O2B GTA E . 18.57 -30.22 6.32
C1B GTA E . 18.17 -32.23 7.35
N9C GTA E . 18.21 -33.67 7.07
C8C GTA E . 17.77 -34.59 7.95
N7C GTA E . 17.96 -35.81 7.40
C5C GTA E . 18.53 -35.64 6.18
C6C GTA E . 18.92 -36.55 5.19
N6C GTA E . 18.91 -37.98 5.07
N1C GTA E . 19.46 -36.12 4.05
C2C GTA E . 19.62 -34.78 3.84
N3C GTA E . 19.23 -33.89 4.80
C4C GTA E . 18.68 -34.33 5.97
HN21 GTA E . 6.10 -23.98 11.73
HN22 GTA E . 5.82 -24.00 10.15
H71 GTA E . 12.25 -27.31 8.87
H72 GTA E . 13.44 -26.96 9.87
H73 GTA E . 12.89 -25.85 8.83
H8 GTA E . 12.89 -26.50 12.07
HN1 GTA E . 7.63 -24.81 8.58
HO3A GTA E . 10.57 -25.89 17.43
H1A GTA E . 10.14 -24.97 14.02
H2A GTA E . 11.16 -27.46 13.97
H3A GTA E . 11.49 -27.34 16.24
H4A GTA E . 12.49 -24.88 16.24
H5A1 GTA E . 14.49 -25.89 15.26
H5A2 GTA E . 13.93 -26.66 16.51
HO2A GTA E . 9.11 -27.92 14.64
H5B1 GTA E . 14.50 -32.25 8.17
H5B2 GTA E . 14.13 -30.76 7.83
H4B GTA E . 16.43 -30.15 8.14
H3B GTA E . 15.83 -32.08 6.15
HO3B GTA E . 15.13 -30.36 5.36
H2B GTA E . 18.05 -32.03 5.46
HO2B GTA E . 18.36 -29.74 5.59
H1B GTA E . 19.04 -31.93 7.70
H8C GTA E . 17.40 -34.43 8.79
HN61 GTA E . 19.66 -38.47 5.31
HN62 GTA E . 18.17 -38.41 4.73
H2C GTA E . 20.02 -34.47 3.02
#